data_5C7I
#
_entry.id   5C7I
#
_cell.length_a   86.717
_cell.length_b   86.717
_cell.length_c   158.358
_cell.angle_alpha   90.000
_cell.angle_beta   90.000
_cell.angle_gamma   120.000
#
_symmetry.space_group_name_H-M   'P 31 2 1'
#
loop_
_entity.id
_entity.type
_entity.pdbx_description
1 polymer 'Glyceraldehyde-3-phosphate dehydrogenase, testis-specific'
2 water water
#
_entity_poly.entity_id   1
_entity_poly.type   'polypeptide(L)'
_entity_poly.pdbx_seq_one_letter_code
;ELTVGINGFGRIGRLVLRVCMEKGIRVVAVNDPFIDPEYMVYMFKYDSTHGRYKGNVEHKNGQLVVDNLEINTYQCKDPK
EIPWSSIGNPYVVECTGVYLSIEAASAHISSGARRVVVTAPSPDAPMFVMGVNEKDYNPGSMTIVSNAS(CSD)TTNCLA
PLAKVIHENFGIVEGLMTTVHSYTATQKTVDGPSKKDWRGGRGAHQNIIPSSTGAAKAVGKVIPELKGKLTGMAFRVPTP
NVSVVDLTCRLAKPASYSAITEAVKAAAKGPLAGILAYTEDQVVSTDFNGNPHSSIFDAKAGIALNDNFVKLVAWYDNEY
GYSNRVVDLLRYMFSRE
;
_entity_poly.pdbx_strand_id   O,R
#
# COMPACT_ATOMS: atom_id res chain seq x y z
N GLU A 1 -19.22 28.06 4.33
CA GLU A 1 -18.52 27.79 5.57
C GLU A 1 -17.03 28.04 5.39
N LEU A 2 -16.21 27.10 5.85
CA LEU A 2 -14.80 27.09 5.51
C LEU A 2 -14.71 26.64 4.06
N THR A 3 -14.05 27.44 3.23
CA THR A 3 -13.77 27.02 1.86
C THR A 3 -12.28 27.11 1.58
N VAL A 4 -11.79 26.21 0.75
CA VAL A 4 -10.36 26.03 0.57
C VAL A 4 -9.96 26.04 -0.90
N GLY A 5 -8.93 26.83 -1.19
CA GLY A 5 -8.29 26.81 -2.50
C GLY A 5 -6.90 26.25 -2.31
N ILE A 6 -6.45 25.43 -3.25
CA ILE A 6 -5.12 24.84 -3.15
C ILE A 6 -4.23 25.20 -4.32
N ASN A 7 -3.05 25.73 -4.01
CA ASN A 7 -2.08 26.12 -5.01
C ASN A 7 -0.94 25.11 -5.10
N GLY A 8 -0.93 24.35 -6.18
CA GLY A 8 0.05 23.30 -6.38
C GLY A 8 -0.58 21.94 -6.17
N PHE A 9 -0.56 21.12 -7.21
CA PHE A 9 -1.18 19.81 -7.17
C PHE A 9 -0.13 18.70 -7.14
N GLY A 10 0.94 18.93 -6.37
CA GLY A 10 1.93 17.91 -6.09
C GLY A 10 1.47 17.00 -4.98
N ARG A 11 2.39 16.25 -4.38
CA ARG A 11 2.02 15.22 -3.40
C ARG A 11 1.18 15.79 -2.27
N ILE A 12 1.56 16.97 -1.78
CA ILE A 12 0.86 17.60 -0.68
C ILE A 12 -0.51 18.11 -1.10
N GLY A 13 -0.56 18.84 -2.21
CA GLY A 13 -1.82 19.36 -2.72
C GLY A 13 -2.84 18.27 -2.92
N ARG A 14 -2.40 17.15 -3.46
CA ARG A 14 -3.31 16.04 -3.76
C ARG A 14 -3.83 15.37 -2.49
N LEU A 15 -2.95 15.14 -1.52
CA LEU A 15 -3.36 14.51 -0.28
C LEU A 15 -4.21 15.44 0.58
N VAL A 16 -3.90 16.73 0.53
CA VAL A 16 -4.74 17.74 1.18
C VAL A 16 -6.15 17.71 0.62
N LEU A 17 -6.27 17.62 -0.70
CA LEU A 17 -7.58 17.50 -1.34
C LEU A 17 -8.29 16.26 -0.83
N ARG A 18 -7.57 15.14 -0.79
CA ARG A 18 -8.11 13.88 -0.32
C ARG A 18 -8.63 14.03 1.11
N VAL A 19 -7.83 14.66 1.96
CA VAL A 19 -8.20 14.85 3.36
C VAL A 19 -9.41 15.76 3.52
N CYS A 20 -9.46 16.83 2.74
CA CYS A 20 -10.60 17.74 2.75
C CYS A 20 -11.89 16.99 2.40
N MET A 21 -11.82 16.12 1.40
CA MET A 21 -12.95 15.28 1.02
C MET A 21 -13.35 14.41 2.21
N GLU A 22 -12.34 13.82 2.86
CA GLU A 22 -12.58 12.90 3.97
C GLU A 22 -13.18 13.61 5.19
N LYS A 23 -12.73 14.83 5.45
CA LYS A 23 -13.20 15.58 6.62
C LYS A 23 -14.35 16.53 6.28
N GLY A 24 -14.80 16.50 5.04
CA GLY A 24 -15.94 17.29 4.61
C GLY A 24 -15.70 18.79 4.50
N ILE A 25 -14.49 19.16 4.10
CA ILE A 25 -14.15 20.57 3.89
C ILE A 25 -14.20 20.91 2.41
N ARG A 26 -14.90 21.98 2.07
CA ARG A 26 -15.14 22.30 0.67
C ARG A 26 -13.95 22.96 0.01
N VAL A 27 -13.40 22.28 -0.99
CA VAL A 27 -12.35 22.84 -1.82
C VAL A 27 -13.01 23.43 -3.05
N VAL A 28 -12.76 24.72 -3.30
CA VAL A 28 -13.43 25.43 -4.39
C VAL A 28 -12.54 25.58 -5.62
N ALA A 29 -11.23 25.46 -5.44
CA ALA A 29 -10.34 25.63 -6.57
C ALA A 29 -8.99 24.95 -6.38
N VAL A 30 -8.41 24.51 -7.49
CA VAL A 30 -7.03 24.06 -7.55
C VAL A 30 -6.29 24.83 -8.62
N ASN A 31 -5.13 25.38 -8.27
CA ASN A 31 -4.29 26.01 -9.27
C ASN A 31 -2.96 25.29 -9.44
N ASP A 32 -2.61 25.04 -10.70
CA ASP A 32 -1.31 24.50 -11.05
C ASP A 32 -1.02 24.88 -12.51
N PRO A 33 0.11 25.55 -12.74
CA PRO A 33 0.47 26.05 -14.08
C PRO A 33 0.81 24.96 -15.08
N PHE A 34 1.17 23.78 -14.58
CA PHE A 34 1.71 22.72 -15.42
C PHE A 34 0.73 21.57 -15.61
N ILE A 35 0.01 21.23 -14.56
CA ILE A 35 -0.88 20.07 -14.59
C ILE A 35 -2.30 20.46 -15.03
N ASP A 36 -2.65 20.08 -16.25
CA ASP A 36 -3.97 20.33 -16.80
C ASP A 36 -5.04 19.48 -16.09
N PRO A 37 -6.31 19.89 -16.20
CA PRO A 37 -7.45 19.24 -15.53
C PRO A 37 -7.56 17.73 -15.79
N GLU A 38 -7.40 17.32 -17.04
CA GLU A 38 -7.49 15.91 -17.40
C GLU A 38 -6.39 15.11 -16.71
N TYR A 39 -5.20 15.72 -16.62
CA TYR A 39 -4.06 15.09 -15.97
C TYR A 39 -4.26 15.06 -14.45
N MET A 40 -4.87 16.12 -13.91
CA MET A 40 -5.19 16.17 -12.48
C MET A 40 -5.99 14.95 -12.09
N VAL A 41 -7.00 14.65 -12.90
CA VAL A 41 -7.84 13.49 -12.70
C VAL A 41 -7.00 12.24 -12.51
N TYR A 42 -6.09 12.00 -13.45
CA TYR A 42 -5.22 10.85 -13.42
C TYR A 42 -4.35 10.79 -12.15
N MET A 43 -3.73 11.92 -11.81
CA MET A 43 -2.80 11.97 -10.69
C MET A 43 -3.51 11.77 -9.35
N PHE A 44 -4.76 12.22 -9.28
CA PHE A 44 -5.57 12.07 -8.07
C PHE A 44 -6.19 10.69 -7.95
N LYS A 45 -6.58 10.15 -9.09
CA LYS A 45 -7.28 8.88 -9.16
C LYS A 45 -6.37 7.72 -8.74
N TYR A 46 -5.12 7.77 -9.18
CA TYR A 46 -4.16 6.71 -8.91
C TYR A 46 -3.01 7.23 -8.09
N ASP A 47 -2.60 6.44 -7.09
CA ASP A 47 -1.47 6.81 -6.25
C ASP A 47 -0.68 5.57 -5.84
N SER A 48 0.60 5.57 -6.19
CA SER A 48 1.46 4.42 -5.96
C SER A 48 1.60 4.01 -4.49
N THR A 49 1.61 4.98 -3.58
CA THR A 49 1.76 4.65 -2.15
C THR A 49 0.45 4.61 -1.37
N HIS A 50 -0.50 5.47 -1.73
CA HIS A 50 -1.76 5.56 -0.99
C HIS A 50 -2.95 4.86 -1.65
N GLY A 51 -2.71 4.23 -2.80
CA GLY A 51 -3.76 3.48 -3.47
C GLY A 51 -4.71 4.35 -4.26
N ARG A 52 -5.66 3.71 -4.95
CA ARG A 52 -6.63 4.45 -5.75
C ARG A 52 -7.56 5.27 -4.87
N TYR A 53 -7.95 6.43 -5.36
CA TYR A 53 -8.93 7.24 -4.65
C TYR A 53 -10.22 6.41 -4.52
N LYS A 54 -10.78 6.38 -3.32
CA LYS A 54 -11.89 5.48 -3.00
C LYS A 54 -13.25 6.01 -3.46
N GLY A 55 -13.25 7.16 -4.12
CA GLY A 55 -14.45 7.71 -4.70
C GLY A 55 -14.35 7.84 -6.20
N ASN A 56 -15.02 8.87 -6.75
CA ASN A 56 -15.03 9.10 -8.18
C ASN A 56 -14.35 10.41 -8.54
N VAL A 57 -13.66 10.40 -9.68
CA VAL A 57 -12.95 11.57 -10.16
C VAL A 57 -13.13 11.71 -11.66
N GLU A 58 -13.56 12.89 -12.08
CA GLU A 58 -13.77 13.17 -13.50
C GLU A 58 -13.42 14.61 -13.79
N HIS A 59 -13.27 14.90 -15.07
CA HIS A 59 -13.07 16.25 -15.54
C HIS A 59 -14.27 16.65 -16.39
N LYS A 60 -14.73 17.87 -16.22
CA LYS A 60 -15.88 18.37 -16.96
C LYS A 60 -15.88 19.89 -17.08
N ASN A 61 -15.86 20.38 -18.31
CA ASN A 61 -15.95 21.81 -18.59
C ASN A 61 -14.88 22.60 -17.84
N GLY A 62 -13.66 22.10 -17.86
CA GLY A 62 -12.55 22.78 -17.22
C GLY A 62 -12.62 22.65 -15.71
N GLN A 63 -13.48 21.77 -15.21
CA GLN A 63 -13.60 21.55 -13.78
C GLN A 63 -13.20 20.14 -13.36
N LEU A 64 -12.53 20.07 -12.22
CA LEU A 64 -12.24 18.80 -11.57
C LEU A 64 -13.46 18.43 -10.73
N VAL A 65 -13.99 17.24 -10.95
CA VAL A 65 -15.18 16.80 -10.23
C VAL A 65 -14.87 15.59 -9.36
N VAL A 66 -14.93 15.79 -8.06
CA VAL A 66 -14.62 14.74 -7.11
C VAL A 66 -15.86 14.43 -6.28
N ASP A 67 -16.35 13.20 -6.40
CA ASP A 67 -17.57 12.80 -5.72
C ASP A 67 -18.67 13.84 -5.88
N ASN A 68 -18.89 14.27 -7.13
CA ASN A 68 -19.93 15.23 -7.47
C ASN A 68 -19.64 16.67 -7.05
N LEU A 69 -18.57 16.88 -6.30
CA LEU A 69 -18.14 18.23 -5.95
C LEU A 69 -17.40 18.83 -7.15
N GLU A 70 -17.94 19.93 -7.69
CA GLU A 70 -17.31 20.61 -8.81
C GLU A 70 -16.26 21.59 -8.31
N ILE A 71 -15.03 21.37 -8.72
CA ILE A 71 -13.91 22.17 -8.27
C ILE A 71 -13.29 22.94 -9.43
N ASN A 72 -13.19 24.25 -9.26
CA ASN A 72 -12.57 25.10 -10.27
C ASN A 72 -11.10 24.77 -10.41
N THR A 73 -10.57 24.93 -11.61
CA THR A 73 -9.15 24.72 -11.85
C THR A 73 -8.57 25.91 -12.61
N TYR A 74 -7.33 26.27 -12.27
CA TYR A 74 -6.63 27.36 -12.93
C TYR A 74 -5.20 26.95 -13.26
N GLN A 75 -4.58 27.65 -14.20
CA GLN A 75 -3.17 27.43 -14.53
C GLN A 75 -2.38 28.73 -14.48
N CYS A 76 -2.35 29.36 -13.31
CA CYS A 76 -1.64 30.62 -13.15
C CYS A 76 -0.22 30.40 -12.63
N LYS A 77 0.75 31.05 -13.27
CA LYS A 77 2.15 30.95 -12.88
C LYS A 77 2.45 31.91 -11.74
N ASP A 78 1.55 32.88 -11.56
CA ASP A 78 1.75 33.92 -10.56
C ASP A 78 0.55 33.97 -9.62
N PRO A 79 0.78 33.74 -8.31
CA PRO A 79 -0.29 33.79 -7.30
C PRO A 79 -1.15 35.04 -7.40
N LYS A 80 -0.54 36.15 -7.83
CA LYS A 80 -1.26 37.42 -7.94
C LYS A 80 -2.43 37.35 -8.91
N GLU A 81 -2.32 36.46 -9.91
CA GLU A 81 -3.31 36.37 -10.97
C GLU A 81 -4.41 35.36 -10.69
N ILE A 82 -4.35 34.67 -9.55
CA ILE A 82 -5.39 33.72 -9.20
C ILE A 82 -6.60 34.45 -8.63
N PRO A 83 -7.78 34.25 -9.24
CA PRO A 83 -9.02 34.97 -8.92
C PRO A 83 -9.68 34.53 -7.60
N TRP A 84 -8.92 34.44 -6.51
CA TRP A 84 -9.51 34.00 -5.24
C TRP A 84 -10.76 34.78 -4.88
N SER A 85 -10.72 36.10 -5.06
CA SER A 85 -11.83 36.95 -4.67
C SER A 85 -13.12 36.67 -5.45
N SER A 86 -12.98 36.14 -6.66
CA SER A 86 -14.13 35.84 -7.50
C SER A 86 -14.89 34.57 -7.09
N ILE A 87 -14.26 33.75 -6.26
CA ILE A 87 -14.87 32.49 -5.84
C ILE A 87 -14.97 32.44 -4.31
N GLY A 88 -15.58 33.45 -3.73
CA GLY A 88 -15.58 33.63 -2.30
C GLY A 88 -14.18 34.07 -1.95
N ASN A 89 -13.83 34.06 -0.68
CA ASN A 89 -12.48 34.41 -0.29
C ASN A 89 -11.92 33.27 0.56
N PRO A 90 -11.56 32.17 -0.10
CA PRO A 90 -11.20 30.94 0.61
C PRO A 90 -9.88 31.07 1.35
N TYR A 91 -9.68 30.21 2.34
CA TYR A 91 -8.35 29.98 2.87
C TYR A 91 -7.56 29.31 1.77
N VAL A 92 -6.29 29.66 1.65
CA VAL A 92 -5.47 29.10 0.59
C VAL A 92 -4.33 28.26 1.17
N VAL A 93 -4.19 27.06 0.63
CA VAL A 93 -3.08 26.20 1.00
C VAL A 93 -2.01 26.34 -0.07
N GLU A 94 -0.84 26.80 0.34
CA GLU A 94 0.26 27.10 -0.57
C GLU A 94 1.28 25.95 -0.55
N CYS A 95 1.22 25.10 -1.58
CA CYS A 95 1.96 23.84 -1.59
C CYS A 95 3.06 23.73 -2.64
N THR A 96 3.41 24.83 -3.32
CA THR A 96 4.38 24.76 -4.40
C THR A 96 5.81 24.66 -3.87
N GLY A 97 6.03 25.13 -2.64
CA GLY A 97 7.37 25.17 -2.07
C GLY A 97 8.15 26.39 -2.52
N VAL A 98 7.49 27.24 -3.30
CA VAL A 98 8.16 28.39 -3.93
C VAL A 98 7.86 29.74 -3.27
N TYR A 99 6.76 29.82 -2.52
CA TYR A 99 6.38 31.07 -1.86
C TYR A 99 6.29 30.87 -0.34
N LEU A 100 7.43 30.92 0.32
CA LEU A 100 7.51 30.53 1.73
C LEU A 100 7.43 31.73 2.69
N SER A 101 7.93 32.88 2.28
CA SER A 101 7.95 34.08 3.13
C SER A 101 6.58 34.74 3.17
N ILE A 102 6.36 35.56 4.20
CA ILE A 102 5.08 36.29 4.31
C ILE A 102 4.89 37.17 3.10
N GLU A 103 5.97 37.77 2.61
CA GLU A 103 5.92 38.66 1.46
C GLU A 103 5.51 37.91 0.20
N ALA A 104 6.17 36.79 -0.07
CA ALA A 104 5.88 35.97 -1.24
C ALA A 104 4.45 35.42 -1.20
N ALA A 105 4.07 34.89 -0.05
CA ALA A 105 2.75 34.27 0.12
C ALA A 105 1.64 35.31 0.13
N SER A 106 1.98 36.55 0.47
CA SER A 106 0.99 37.62 0.57
C SER A 106 0.35 37.91 -0.78
N ALA A 107 0.98 37.47 -1.86
CA ALA A 107 0.43 37.58 -3.20
C ALA A 107 -0.97 36.96 -3.26
N HIS A 108 -1.14 35.84 -2.55
CA HIS A 108 -2.42 35.16 -2.49
C HIS A 108 -3.46 36.09 -1.86
N ILE A 109 -3.04 36.76 -0.80
CA ILE A 109 -3.89 37.69 -0.07
C ILE A 109 -4.38 38.85 -0.93
N SER A 110 -3.46 39.47 -1.65
CA SER A 110 -3.77 40.62 -2.49
C SER A 110 -4.75 40.24 -3.60
N SER A 111 -4.78 38.96 -3.96
CA SER A 111 -5.72 38.48 -4.97
C SER A 111 -7.02 37.92 -4.38
N GLY A 112 -7.15 38.00 -3.06
CA GLY A 112 -8.43 37.72 -2.42
C GLY A 112 -8.47 36.60 -1.40
N ALA A 113 -7.34 35.95 -1.13
CA ALA A 113 -7.33 34.88 -0.13
C ALA A 113 -7.52 35.49 1.26
N ARG A 114 -8.40 34.89 2.04
CA ARG A 114 -8.67 35.39 3.39
C ARG A 114 -7.49 35.06 4.31
N ARG A 115 -6.94 33.87 4.14
CA ARG A 115 -5.75 33.45 4.88
C ARG A 115 -4.96 32.44 4.08
N VAL A 116 -3.70 32.23 4.48
CA VAL A 116 -2.82 31.33 3.76
C VAL A 116 -2.06 30.43 4.71
N VAL A 117 -2.08 29.13 4.42
CA VAL A 117 -1.25 28.18 5.14
C VAL A 117 -0.15 27.68 4.22
N VAL A 118 1.09 27.97 4.61
CA VAL A 118 2.25 27.50 3.87
C VAL A 118 2.63 26.12 4.38
N THR A 119 2.69 25.16 3.46
CA THR A 119 2.92 23.76 3.82
C THR A 119 4.40 23.44 3.85
N ALA A 120 5.15 24.28 4.55
CA ALA A 120 6.59 24.17 4.63
C ALA A 120 7.06 25.17 5.67
N PRO A 121 8.27 24.97 6.21
CA PRO A 121 8.78 26.00 7.11
C PRO A 121 8.91 27.33 6.38
N SER A 122 8.77 28.43 7.12
CA SER A 122 8.88 29.75 6.54
C SER A 122 9.96 30.53 7.29
N PRO A 123 10.73 31.35 6.56
CA PRO A 123 11.76 32.17 7.20
C PRO A 123 11.16 33.09 8.25
N ASP A 124 9.95 33.58 8.03
CA ASP A 124 9.35 34.58 8.92
C ASP A 124 7.88 34.38 9.32
N ALA A 125 7.11 33.62 8.55
CA ALA A 125 5.70 33.38 8.89
C ALA A 125 5.60 32.60 10.20
N PRO A 126 4.61 32.94 11.05
CA PRO A 126 4.42 32.19 12.30
C PRO A 126 4.21 30.72 12.01
N MET A 127 4.83 29.88 12.82
CA MET A 127 4.84 28.44 12.59
C MET A 127 4.03 27.73 13.65
N PHE A 128 3.24 26.75 13.23
CA PHE A 128 2.37 26.04 14.15
C PHE A 128 2.41 24.53 14.00
N VAL A 129 2.43 23.86 15.15
CA VAL A 129 2.27 22.43 15.21
C VAL A 129 1.03 22.15 16.05
N MET A 130 0.01 21.57 15.41
CA MET A 130 -1.22 21.22 16.09
C MET A 130 -0.93 20.31 17.29
N GLY A 131 -1.56 20.62 18.42
CA GLY A 131 -1.33 19.89 19.65
C GLY A 131 -0.22 20.50 20.51
N VAL A 132 0.49 21.47 19.94
CA VAL A 132 1.63 22.09 20.64
C VAL A 132 1.46 23.59 20.86
N ASN A 133 1.18 24.36 19.80
CA ASN A 133 1.09 25.81 19.93
C ASN A 133 0.02 26.51 19.07
N GLU A 134 -0.98 25.78 18.58
CA GLU A 134 -1.98 26.38 17.69
C GLU A 134 -2.75 27.51 18.38
N LYS A 135 -2.82 27.43 19.71
CA LYS A 135 -3.58 28.38 20.52
C LYS A 135 -2.91 29.75 20.53
N ASP A 136 -1.65 29.79 20.12
CA ASP A 136 -0.92 31.04 19.98
C ASP A 136 -1.26 31.75 18.66
N TYR A 137 -2.02 31.06 17.80
CA TYR A 137 -2.50 31.68 16.58
C TYR A 137 -3.40 32.85 16.95
N ASN A 138 -3.26 33.95 16.23
CA ASN A 138 -4.10 35.11 16.47
C ASN A 138 -4.58 35.73 15.16
N PRO A 139 -5.88 35.62 14.89
CA PRO A 139 -6.53 36.02 13.64
C PRO A 139 -6.46 37.52 13.42
N GLY A 140 -6.25 38.27 14.50
CA GLY A 140 -6.11 39.71 14.40
C GLY A 140 -4.86 40.12 13.65
N SER A 141 -3.81 39.31 13.74
CA SER A 141 -2.51 39.70 13.19
C SER A 141 -1.89 38.68 12.25
N MET A 142 -2.44 37.47 12.14
CA MET A 142 -1.80 36.42 11.37
C MET A 142 -2.64 35.97 10.20
N THR A 143 -2.34 36.56 9.05
CA THR A 143 -3.04 36.24 7.82
C THR A 143 -2.28 35.16 7.06
N ILE A 144 -0.99 35.06 7.33
CA ILE A 144 -0.14 34.06 6.70
C ILE A 144 0.59 33.22 7.73
N VAL A 145 0.44 31.91 7.59
CA VAL A 145 0.90 30.99 8.61
C VAL A 145 1.62 29.79 7.99
N SER A 146 2.46 29.14 8.79
CA SER A 146 3.13 27.92 8.36
C SER A 146 2.76 26.75 9.26
N ASN A 147 2.64 25.57 8.64
CA ASN A 147 2.36 24.34 9.37
C ASN A 147 3.65 23.58 9.69
N ALA A 148 4.78 24.29 9.65
CA ALA A 148 6.09 23.70 9.90
C ALA A 148 6.37 22.57 8.90
N SER A 149 7.21 21.62 9.30
CA SER A 149 7.54 20.47 8.45
C SER A 149 7.00 19.16 9.02
N THR A 151 8.60 16.53 9.75
CA THR A 151 9.53 16.09 10.79
C THR A 151 9.29 16.80 12.12
N THR A 152 9.19 18.13 12.05
CA THR A 152 8.92 18.95 13.23
C THR A 152 7.61 18.56 13.87
N ASN A 153 6.62 18.23 13.03
CA ASN A 153 5.32 17.77 13.49
C ASN A 153 5.35 16.42 14.19
N CYS A 154 6.34 15.58 13.87
CA CYS A 154 6.52 14.31 14.56
C CYS A 154 7.25 14.52 15.89
N LEU A 155 8.28 15.36 15.87
CA LEU A 155 9.16 15.54 17.03
C LEU A 155 8.53 16.39 18.13
N ALA A 156 7.88 17.49 17.74
CA ALA A 156 7.40 18.48 18.70
C ALA A 156 6.42 17.90 19.74
N PRO A 157 5.39 17.17 19.30
CA PRO A 157 4.47 16.56 20.26
C PRO A 157 5.17 15.64 21.26
N LEU A 158 6.15 14.88 20.79
CA LEU A 158 6.89 13.97 21.66
C LEU A 158 7.78 14.75 22.62
N ALA A 159 8.41 15.81 22.11
CA ALA A 159 9.29 16.65 22.90
C ALA A 159 8.52 17.35 24.01
N LYS A 160 7.31 17.79 23.68
CA LYS A 160 6.42 18.43 24.63
C LYS A 160 6.19 17.54 25.85
N VAL A 161 5.80 16.30 25.59
CA VAL A 161 5.52 15.35 26.67
C VAL A 161 6.75 15.10 27.53
N ILE A 162 7.88 14.86 26.89
CA ILE A 162 9.11 14.55 27.60
C ILE A 162 9.59 15.75 28.42
N HIS A 163 9.51 16.94 27.83
CA HIS A 163 9.96 18.16 28.51
C HIS A 163 9.08 18.47 29.71
N GLU A 164 7.76 18.42 29.51
CA GLU A 164 6.82 18.75 30.57
C GLU A 164 6.87 17.76 31.73
N ASN A 165 7.17 16.49 31.46
CA ASN A 165 7.27 15.49 32.51
C ASN A 165 8.65 15.38 33.16
N PHE A 166 9.72 15.48 32.36
CA PHE A 166 11.05 15.16 32.84
C PHE A 166 12.08 16.26 32.62
N GLY A 167 11.85 17.10 31.61
CA GLY A 167 12.79 18.16 31.28
C GLY A 167 13.90 17.65 30.36
N ILE A 168 13.95 18.23 29.17
CA ILE A 168 15.01 17.99 28.21
C ILE A 168 16.08 19.04 28.40
N VAL A 169 17.23 18.60 28.89
CA VAL A 169 18.38 19.46 29.04
C VAL A 169 18.92 19.76 27.64
N GLU A 170 19.10 18.70 26.87
CA GLU A 170 19.54 18.81 25.48
C GLU A 170 19.20 17.55 24.72
N GLY A 171 18.96 17.69 23.41
CA GLY A 171 18.63 16.56 22.58
C GLY A 171 19.18 16.66 21.18
N LEU A 172 19.54 15.51 20.61
CA LEU A 172 19.97 15.43 19.23
C LEU A 172 19.12 14.42 18.47
N MET A 173 18.60 14.85 17.33
CA MET A 173 17.65 14.06 16.57
C MET A 173 18.24 13.55 15.25
N THR A 174 17.96 12.29 14.94
CA THR A 174 18.13 11.81 13.58
C THR A 174 16.77 11.33 13.09
N THR A 175 16.41 11.73 11.88
CA THR A 175 15.26 11.16 11.22
C THR A 175 15.70 10.26 10.07
N VAL A 176 15.25 9.02 10.09
CA VAL A 176 15.46 8.12 8.97
C VAL A 176 14.23 8.26 8.09
N HIS A 177 14.44 8.88 6.94
CA HIS A 177 13.37 9.45 6.15
C HIS A 177 13.29 8.84 4.76
N SER A 178 12.05 8.63 4.29
CA SER A 178 11.80 8.15 2.95
C SER A 178 12.21 9.20 1.93
N TYR A 179 12.57 8.76 0.73
CA TYR A 179 12.92 9.70 -0.32
C TYR A 179 11.70 10.50 -0.77
N THR A 180 11.96 11.62 -1.44
CA THR A 180 10.91 12.56 -1.81
C THR A 180 11.10 13.06 -3.24
N ALA A 181 10.16 13.91 -3.68
CA ALA A 181 10.13 14.41 -5.04
C ALA A 181 11.35 15.26 -5.42
N THR A 182 12.04 15.80 -4.43
CA THR A 182 13.21 16.65 -4.70
C THR A 182 14.42 15.81 -5.04
N GLN A 183 14.33 14.50 -4.79
CA GLN A 183 15.44 13.60 -5.07
C GLN A 183 15.43 13.07 -6.49
N LYS A 184 16.46 12.28 -6.81
CA LYS A 184 16.69 11.83 -8.17
C LYS A 184 16.71 10.31 -8.24
N THR A 185 16.22 9.77 -9.36
CA THR A 185 16.16 8.33 -9.57
C THR A 185 17.56 7.75 -9.75
N VAL A 186 18.39 8.47 -10.51
CA VAL A 186 19.79 8.13 -10.70
C VAL A 186 20.63 9.38 -10.46
N ASP A 187 21.92 9.20 -10.19
CA ASP A 187 22.82 10.34 -9.92
C ASP A 187 22.58 11.47 -10.92
N GLY A 188 22.05 12.59 -10.43
CA GLY A 188 21.77 13.74 -11.28
C GLY A 188 22.00 15.07 -10.56
N PRO A 189 21.63 16.19 -11.22
CA PRO A 189 22.01 17.52 -10.73
C PRO A 189 21.20 18.01 -9.53
N SER A 190 21.92 18.49 -8.53
CA SER A 190 21.33 19.04 -7.31
C SER A 190 22.37 19.99 -6.70
N LYS A 191 22.55 21.14 -7.34
CA LYS A 191 23.73 21.97 -7.10
C LYS A 191 23.85 22.60 -5.71
N LYS A 192 22.75 22.71 -4.96
CA LYS A 192 22.87 23.15 -3.56
C LYS A 192 22.50 22.06 -2.54
N ASP A 193 22.60 20.81 -2.98
CA ASP A 193 22.52 19.65 -2.11
C ASP A 193 23.07 18.49 -2.90
N TRP A 194 24.40 18.43 -2.98
CA TRP A 194 25.10 17.45 -3.82
C TRP A 194 24.71 16.02 -3.49
N ARG A 195 24.67 15.69 -2.21
CA ARG A 195 24.32 14.34 -1.78
C ARG A 195 22.91 13.98 -2.24
N GLY A 196 22.01 14.97 -2.17
CA GLY A 196 20.63 14.78 -2.58
C GLY A 196 20.41 14.56 -4.07
N GLY A 197 21.45 14.73 -4.86
CA GLY A 197 21.37 14.45 -6.28
C GLY A 197 21.64 12.99 -6.58
N ARG A 198 22.27 12.30 -5.63
CA ARG A 198 22.65 10.90 -5.80
C ARG A 198 21.42 9.98 -5.79
N GLY A 199 21.51 8.86 -6.50
CA GLY A 199 20.40 7.94 -6.64
C GLY A 199 19.70 7.63 -5.33
N ALA A 200 18.44 8.00 -5.25
CA ALA A 200 17.68 7.92 -4.01
C ALA A 200 17.42 6.49 -3.56
N HIS A 201 17.29 5.64 -4.61
CA HIS A 201 16.93 4.21 -4.51
C HIS A 201 18.12 3.29 -4.16
N GLN A 202 19.33 3.75 -4.44
CA GLN A 202 20.56 2.98 -4.26
C GLN A 202 21.25 3.34 -2.95
N ASN A 203 20.85 4.47 -2.36
CA ASN A 203 21.66 5.11 -1.32
C ASN A 203 20.97 5.41 0.01
N ILE A 204 21.79 5.36 1.06
CA ILE A 204 21.53 6.04 2.31
C ILE A 204 22.18 7.41 2.15
N ILE A 205 21.40 8.47 2.29
CA ILE A 205 21.88 9.81 1.98
C ILE A 205 21.77 10.76 3.16
N PRO A 206 22.91 11.14 3.75
CA PRO A 206 22.89 12.15 4.82
C PRO A 206 22.29 13.45 4.31
N SER A 207 21.49 14.11 5.16
CA SER A 207 20.84 15.34 4.77
C SER A 207 20.75 16.25 5.98
N SER A 208 20.83 17.56 5.72
CA SER A 208 20.74 18.55 6.78
C SER A 208 19.31 19.04 6.87
N THR A 209 18.77 19.04 8.08
CA THR A 209 17.41 19.51 8.33
C THR A 209 17.42 20.44 9.54
N GLY A 210 16.63 21.51 9.46
CA GLY A 210 16.46 22.41 10.59
C GLY A 210 15.26 22.00 11.41
N ALA A 211 14.72 20.81 11.14
CA ALA A 211 13.46 20.38 11.71
C ALA A 211 13.49 20.26 13.24
N ALA A 212 14.60 19.77 13.78
CA ALA A 212 14.71 19.58 15.22
C ALA A 212 14.87 20.91 15.93
N LYS A 213 15.74 21.76 15.38
CA LYS A 213 15.96 23.08 15.94
C LYS A 213 14.68 23.89 15.93
N ALA A 214 13.87 23.72 14.89
CA ALA A 214 12.65 24.48 14.69
C ALA A 214 11.60 24.21 15.76
N VAL A 215 11.77 23.11 16.49
CA VAL A 215 10.89 22.80 17.62
C VAL A 215 10.96 23.93 18.66
N GLY A 216 12.10 24.60 18.72
CA GLY A 216 12.27 25.72 19.64
C GLY A 216 11.42 26.91 19.27
N LYS A 217 10.88 26.91 18.05
CA LYS A 217 9.99 27.98 17.61
C LYS A 217 8.55 27.76 18.10
N VAL A 218 8.16 26.50 18.27
CA VAL A 218 6.83 26.15 18.74
C VAL A 218 6.82 25.77 20.22
N ILE A 219 7.99 25.43 20.74
CA ILE A 219 8.18 25.23 22.18
C ILE A 219 9.37 26.07 22.62
N PRO A 220 9.13 27.34 22.95
CA PRO A 220 10.17 28.32 23.28
C PRO A 220 11.16 27.86 24.35
N GLU A 221 10.71 27.09 25.33
CA GLU A 221 11.60 26.59 26.37
C GLU A 221 12.68 25.66 25.82
N LEU A 222 12.50 25.19 24.58
CA LEU A 222 13.48 24.30 23.96
C LEU A 222 14.39 24.98 22.93
N LYS A 223 14.24 26.29 22.77
CA LYS A 223 15.15 27.03 21.90
C LYS A 223 16.59 26.80 22.33
N GLY A 224 17.46 26.47 21.37
CA GLY A 224 18.86 26.20 21.64
C GLY A 224 19.17 24.85 22.27
N LYS A 225 18.15 24.02 22.50
CA LYS A 225 18.34 22.74 23.17
C LYS A 225 18.19 21.55 22.23
N LEU A 226 17.82 21.80 20.99
CA LEU A 226 17.65 20.71 20.03
C LEU A 226 18.24 21.03 18.66
N THR A 227 18.89 20.05 18.08
CA THR A 227 19.14 20.06 16.64
C THR A 227 19.25 18.63 16.14
N GLY A 228 19.58 18.47 14.86
CA GLY A 228 19.67 17.13 14.31
C GLY A 228 19.94 17.09 12.83
N MET A 229 19.75 15.91 12.25
CA MET A 229 19.96 15.73 10.83
C MET A 229 19.15 14.53 10.33
N ALA A 230 19.32 14.19 9.07
CA ALA A 230 18.52 13.16 8.44
C ALA A 230 19.36 12.16 7.65
N PHE A 231 18.82 10.96 7.49
CA PHE A 231 19.29 10.03 6.48
C PHE A 231 18.12 9.67 5.57
N ARG A 232 18.24 10.00 4.29
CA ARG A 232 17.24 9.61 3.32
C ARG A 232 17.56 8.21 2.78
N VAL A 233 16.58 7.31 2.86
CA VAL A 233 16.78 5.92 2.48
C VAL A 233 15.74 5.43 1.46
N PRO A 234 16.00 4.28 0.83
CA PRO A 234 15.16 3.80 -0.28
C PRO A 234 13.79 3.24 0.14
N THR A 235 12.98 4.06 0.81
CA THR A 235 11.55 3.77 0.99
C THR A 235 10.75 4.96 0.45
N PRO A 236 9.58 4.68 -0.15
CA PRO A 236 8.79 5.72 -0.82
C PRO A 236 7.95 6.58 0.13
N ASN A 237 7.73 6.10 1.35
CA ASN A 237 6.94 6.85 2.33
C ASN A 237 7.00 6.25 3.72
N VAL A 238 6.75 7.10 4.70
CA VAL A 238 6.90 6.78 6.13
C VAL A 238 8.33 6.99 6.59
N SER A 239 8.47 7.67 7.71
CA SER A 239 9.77 8.06 8.23
C SER A 239 9.76 7.84 9.72
N VAL A 240 10.91 8.00 10.35
CA VAL A 240 11.01 7.73 11.76
C VAL A 240 11.99 8.67 12.45
N VAL A 241 11.55 9.19 13.59
CA VAL A 241 12.36 10.09 14.40
C VAL A 241 13.11 9.30 15.47
N ASP A 242 14.39 9.61 15.62
CA ASP A 242 15.27 8.95 16.57
C ASP A 242 15.86 10.06 17.43
N LEU A 243 15.29 10.24 18.62
CA LEU A 243 15.64 11.35 19.49
C LEU A 243 16.49 10.89 20.66
N THR A 244 17.72 11.39 20.72
CA THR A 244 18.61 11.10 21.83
C THR A 244 18.64 12.34 22.71
N CYS A 245 18.16 12.21 23.94
CA CYS A 245 18.08 13.36 24.83
C CYS A 245 18.58 13.06 26.24
N ARG A 246 19.13 14.09 26.87
CA ARG A 246 19.43 14.03 28.29
C ARG A 246 18.31 14.69 29.08
N LEU A 247 17.85 13.99 30.12
CA LEU A 247 16.72 14.46 30.90
C LEU A 247 17.19 15.13 32.18
N ALA A 248 16.45 16.15 32.61
CA ALA A 248 16.73 16.83 33.86
C ALA A 248 16.38 15.92 35.03
N LYS A 249 15.11 15.59 35.13
CA LYS A 249 14.64 14.66 36.16
C LYS A 249 14.80 13.21 35.67
N PRO A 250 15.36 12.34 36.52
CA PRO A 250 15.58 10.93 36.17
C PRO A 250 14.27 10.21 35.90
N ALA A 251 14.27 9.35 34.90
CA ALA A 251 13.05 8.68 34.48
C ALA A 251 13.36 7.27 34.00
N SER A 252 12.77 6.29 34.66
CA SER A 252 12.84 4.91 34.19
C SER A 252 12.22 4.90 32.80
N TYR A 253 12.52 3.87 32.03
CA TYR A 253 11.95 3.78 30.69
C TYR A 253 10.43 3.59 30.78
N SER A 254 9.99 2.85 31.78
CA SER A 254 8.56 2.61 31.98
C SER A 254 7.81 3.88 32.36
N ALA A 255 8.48 4.77 33.10
CA ALA A 255 7.89 6.07 33.43
C ALA A 255 7.71 6.89 32.16
N ILE A 256 8.68 6.80 31.26
CA ILE A 256 8.64 7.52 29.99
C ILE A 256 7.49 7.04 29.13
N THR A 257 7.36 5.72 28.99
CA THR A 257 6.32 5.14 28.15
C THR A 257 4.94 5.43 28.73
N GLU A 258 4.84 5.40 30.05
CA GLU A 258 3.57 5.68 30.72
C GLU A 258 3.13 7.13 30.48
N ALA A 259 4.09 8.06 30.49
CA ALA A 259 3.79 9.46 30.21
C ALA A 259 3.28 9.65 28.78
N VAL A 260 3.95 9.01 27.83
CA VAL A 260 3.59 9.14 26.42
C VAL A 260 2.22 8.53 26.17
N LYS A 261 2.02 7.36 26.77
CA LYS A 261 0.75 6.64 26.69
C LYS A 261 -0.41 7.53 27.15
N ALA A 262 -0.24 8.15 28.31
CA ALA A 262 -1.26 9.02 28.88
C ALA A 262 -1.52 10.24 28.01
N ALA A 263 -0.46 10.81 27.45
CA ALA A 263 -0.58 11.94 26.54
C ALA A 263 -1.39 11.57 25.30
N ALA A 264 -1.14 10.37 24.79
CA ALA A 264 -1.80 9.88 23.58
C ALA A 264 -3.29 9.64 23.82
N LYS A 265 -3.62 9.08 24.99
CA LYS A 265 -5.01 8.79 25.34
C LYS A 265 -5.80 10.05 25.64
N GLY A 266 -5.09 11.08 26.11
CA GLY A 266 -5.75 12.30 26.56
C GLY A 266 -5.56 13.50 25.65
N PRO A 267 -4.76 14.48 26.10
CA PRO A 267 -4.66 15.80 25.46
C PRO A 267 -4.08 15.79 24.04
N LEU A 268 -3.25 14.80 23.71
CA LEU A 268 -2.66 14.74 22.37
C LEU A 268 -3.32 13.69 21.49
N ALA A 269 -4.50 13.23 21.89
CA ALA A 269 -5.26 12.26 21.10
C ALA A 269 -5.48 12.80 19.69
N GLY A 270 -5.20 11.97 18.69
CA GLY A 270 -5.36 12.36 17.30
C GLY A 270 -4.12 13.01 16.73
N ILE A 271 -3.18 13.37 17.60
CA ILE A 271 -1.91 13.97 17.19
C ILE A 271 -0.79 12.98 17.45
N LEU A 272 -0.67 12.56 18.69
CA LEU A 272 0.33 11.58 19.10
C LEU A 272 -0.34 10.24 19.42
N ALA A 273 0.19 9.17 18.86
CA ALA A 273 -0.29 7.83 19.18
C ALA A 273 0.81 7.03 19.87
N TYR A 274 0.44 5.87 20.40
CA TYR A 274 1.33 5.04 21.20
C TYR A 274 1.17 3.58 20.81
N THR A 275 2.30 2.89 20.59
CA THR A 275 2.26 1.45 20.38
C THR A 275 3.36 0.68 21.12
N GLU A 276 3.03 -0.56 21.47
CA GLU A 276 3.99 -1.50 22.06
C GLU A 276 4.16 -2.72 21.16
N ASP A 277 3.60 -2.66 19.96
CA ASP A 277 3.68 -3.77 19.02
C ASP A 277 4.99 -3.77 18.24
N GLN A 278 5.30 -4.91 17.63
CA GLN A 278 6.55 -5.08 16.90
C GLN A 278 6.39 -4.55 15.48
N VAL A 279 6.26 -3.23 15.37
CA VAL A 279 5.92 -2.59 14.10
C VAL A 279 7.11 -2.27 13.21
N VAL A 280 6.82 -2.09 11.92
CA VAL A 280 7.78 -1.59 10.97
C VAL A 280 7.15 -0.47 10.15
N SER A 281 7.94 0.18 9.29
CA SER A 281 7.50 1.41 8.63
C SER A 281 6.17 1.30 7.89
N THR A 282 5.99 0.24 7.11
CA THR A 282 4.78 0.11 6.31
C THR A 282 3.51 0.06 7.15
N ASP A 283 3.64 -0.30 8.42
CA ASP A 283 2.50 -0.35 9.32
C ASP A 283 1.90 1.03 9.58
N PHE A 284 2.60 2.07 9.15
CA PHE A 284 2.12 3.44 9.36
C PHE A 284 1.80 4.19 8.08
N ASN A 285 1.86 3.50 6.95
CA ASN A 285 1.45 4.10 5.70
C ASN A 285 -0.06 4.35 5.71
N GLY A 286 -0.45 5.61 5.56
CA GLY A 286 -1.85 5.99 5.63
C GLY A 286 -2.32 6.33 7.05
N ASN A 287 -1.37 6.40 7.99
CA ASN A 287 -1.70 6.80 9.35
C ASN A 287 -1.79 8.33 9.45
N PRO A 288 -2.90 8.86 10.00
CA PRO A 288 -3.12 10.31 10.03
C PRO A 288 -2.42 11.02 11.19
N HIS A 289 -1.84 10.26 12.11
CA HIS A 289 -1.19 10.88 13.26
C HIS A 289 0.08 11.64 12.87
N SER A 290 0.45 12.62 13.70
CA SER A 290 1.66 13.38 13.50
C SER A 290 2.86 12.59 13.98
N SER A 291 2.62 11.68 14.92
CA SER A 291 3.69 10.99 15.63
C SER A 291 3.15 9.74 16.30
N ILE A 292 3.78 8.60 16.05
CA ILE A 292 3.43 7.37 16.74
C ILE A 292 4.64 6.83 17.49
N PHE A 293 4.58 6.97 18.81
CA PHE A 293 5.66 6.54 19.69
C PHE A 293 5.80 5.02 19.69
N ASP A 294 7.04 4.55 19.50
CA ASP A 294 7.35 3.13 19.44
C ASP A 294 8.07 2.73 20.74
N ALA A 295 7.30 2.26 21.70
CA ALA A 295 7.81 1.97 23.04
C ALA A 295 8.97 0.97 23.06
N LYS A 296 8.82 -0.12 22.32
CA LYS A 296 9.79 -1.21 22.38
C LYS A 296 11.08 -0.96 21.58
N ALA A 297 11.02 -0.03 20.63
CA ALA A 297 12.18 0.25 19.78
C ALA A 297 13.21 1.11 20.50
N GLY A 298 12.75 1.92 21.46
CA GLY A 298 13.64 2.83 22.15
C GLY A 298 14.53 2.11 23.13
N ILE A 299 15.55 2.81 23.62
CA ILE A 299 16.50 2.23 24.55
C ILE A 299 17.13 3.30 25.43
N ALA A 300 17.32 2.96 26.70
CA ALA A 300 17.93 3.88 27.65
C ALA A 300 19.28 3.35 28.11
N LEU A 301 20.26 4.25 28.19
CA LEU A 301 21.53 3.92 28.81
C LEU A 301 21.37 4.01 30.32
N ASN A 302 20.68 5.06 30.74
CA ASN A 302 20.32 5.24 32.14
C ASN A 302 19.14 6.19 32.28
N ASP A 303 18.73 6.45 33.52
CA ASP A 303 17.53 7.24 33.79
C ASP A 303 17.57 8.68 33.26
N ASN A 304 18.75 9.17 32.90
CA ASN A 304 18.86 10.53 32.36
C ASN A 304 19.31 10.63 30.91
N PHE A 305 19.49 9.49 30.26
CA PHE A 305 20.01 9.49 28.90
C PHE A 305 19.34 8.39 28.10
N VAL A 306 18.50 8.80 27.15
CA VAL A 306 17.61 7.87 26.47
C VAL A 306 17.46 8.17 24.98
N LYS A 307 17.11 7.13 24.23
CA LYS A 307 16.87 7.24 22.80
C LYS A 307 15.42 6.85 22.52
N LEU A 308 14.65 7.80 22.00
CA LEU A 308 13.22 7.59 21.80
C LEU A 308 12.86 7.54 20.32
N VAL A 309 11.92 6.67 19.98
CA VAL A 309 11.56 6.40 18.59
C VAL A 309 10.10 6.72 18.29
N ALA A 310 9.87 7.49 17.22
CA ALA A 310 8.50 7.82 16.81
C ALA A 310 8.34 7.83 15.29
N TRP A 311 7.31 7.14 14.82
CA TRP A 311 7.02 7.02 13.39
C TRP A 311 6.16 8.15 12.88
N TYR A 312 6.29 8.46 11.60
CA TYR A 312 5.34 9.35 10.96
C TYR A 312 5.21 9.10 9.46
N ASP A 313 3.96 9.10 9.00
CA ASP A 313 3.69 9.10 7.57
C ASP A 313 3.89 10.53 7.11
N ASN A 314 5.05 10.78 6.51
CA ASN A 314 5.49 12.14 6.19
C ASN A 314 4.61 12.83 5.17
N GLU A 315 3.83 12.04 4.42
CA GLU A 315 2.89 12.59 3.45
C GLU A 315 1.51 12.81 4.06
N TYR A 316 0.92 11.74 4.58
CA TYR A 316 -0.48 11.74 4.97
C TYR A 316 -0.72 12.41 6.32
N GLY A 317 0.14 12.12 7.30
CA GLY A 317 0.02 12.73 8.61
C GLY A 317 0.09 14.24 8.50
N TYR A 318 1.09 14.71 7.76
CA TYR A 318 1.29 16.14 7.59
C TYR A 318 0.10 16.79 6.87
N SER A 319 -0.39 16.13 5.83
CA SER A 319 -1.54 16.64 5.08
C SER A 319 -2.77 16.77 5.97
N ASN A 320 -2.94 15.80 6.87
CA ASN A 320 -4.04 15.86 7.83
C ASN A 320 -3.94 17.08 8.74
N ARG A 321 -2.71 17.38 9.17
CA ARG A 321 -2.47 18.50 10.06
C ARG A 321 -2.73 19.84 9.38
N VAL A 322 -2.40 19.91 8.08
CA VAL A 322 -2.66 21.11 7.31
C VAL A 322 -4.15 21.44 7.37
N VAL A 323 -4.98 20.43 7.15
CA VAL A 323 -6.42 20.60 7.16
C VAL A 323 -6.93 20.90 8.57
N ASP A 324 -6.36 20.22 9.56
CA ASP A 324 -6.67 20.48 10.96
C ASP A 324 -6.36 21.94 11.33
N LEU A 325 -5.27 22.46 10.78
CA LEU A 325 -4.87 23.83 11.06
C LEU A 325 -5.86 24.81 10.42
N LEU A 326 -6.25 24.53 9.18
CA LEU A 326 -7.29 25.29 8.51
C LEU A 326 -8.58 25.35 9.31
N ARG A 327 -9.04 24.20 9.77
CA ARG A 327 -10.26 24.11 10.55
C ARG A 327 -10.15 24.90 11.84
N TYR A 328 -9.01 24.75 12.53
CA TYR A 328 -8.80 25.47 13.77
C TYR A 328 -8.81 26.98 13.52
N MET A 329 -8.04 27.42 12.53
CA MET A 329 -7.99 28.81 12.16
C MET A 329 -9.38 29.38 11.90
N PHE A 330 -10.20 28.60 11.20
CA PHE A 330 -11.55 29.04 10.85
C PHE A 330 -12.44 29.18 12.09
N SER A 331 -12.27 28.28 13.04
CA SER A 331 -13.04 28.31 14.27
C SER A 331 -12.71 29.58 15.06
N ARG A 332 -11.65 30.27 14.63
CA ARG A 332 -11.18 31.46 15.31
C ARG A 332 -11.51 32.77 14.60
N GLU A 333 -12.15 32.69 13.44
CA GLU A 333 -12.50 33.90 12.71
C GLU A 333 -13.45 34.76 13.54
N GLU B 1 -22.19 -25.01 7.21
CA GLU B 1 -22.23 -24.79 5.77
C GLU B 1 -20.91 -25.22 5.14
N LEU B 2 -20.35 -24.38 4.27
CA LEU B 2 -18.97 -24.56 3.83
C LEU B 2 -18.09 -24.17 5.01
N THR B 3 -17.22 -25.08 5.44
CA THR B 3 -16.23 -24.75 6.46
C THR B 3 -14.83 -25.06 5.94
N VAL B 4 -13.86 -24.29 6.38
CA VAL B 4 -12.53 -24.33 5.79
C VAL B 4 -11.42 -24.49 6.82
N GLY B 5 -10.52 -25.44 6.55
CA GLY B 5 -9.32 -25.58 7.35
C GLY B 5 -8.15 -25.19 6.47
N ILE B 6 -7.18 -24.48 7.03
CA ILE B 6 -6.03 -24.07 6.26
C ILE B 6 -4.71 -24.59 6.81
N ASN B 7 -3.94 -25.23 5.94
CA ASN B 7 -2.65 -25.79 6.32
C ASN B 7 -1.51 -24.94 5.78
N GLY B 8 -0.82 -24.24 6.68
CA GLY B 8 0.25 -23.36 6.32
C GLY B 8 -0.20 -21.92 6.41
N PHE B 9 0.47 -21.16 7.26
CA PHE B 9 0.10 -19.77 7.50
C PHE B 9 1.13 -18.83 6.87
N GLY B 10 1.60 -19.19 5.68
CA GLY B 10 2.44 -18.32 4.89
C GLY B 10 1.59 -17.30 4.14
N ARG B 11 2.17 -16.65 3.13
CA ARG B 11 1.50 -15.55 2.45
C ARG B 11 0.13 -15.94 1.93
N ILE B 12 0.04 -17.13 1.34
CA ILE B 12 -1.22 -17.60 0.76
C ILE B 12 -2.24 -17.93 1.83
N GLY B 13 -1.83 -18.71 2.83
CA GLY B 13 -2.71 -19.07 3.93
C GLY B 13 -3.31 -17.85 4.60
N ARG B 14 -2.49 -16.83 4.82
CA ARG B 14 -2.94 -15.62 5.52
C ARG B 14 -3.93 -14.82 4.70
N LEU B 15 -3.65 -14.67 3.41
CA LEU B 15 -4.55 -13.93 2.53
C LEU B 15 -5.84 -14.70 2.26
N VAL B 16 -5.73 -16.02 2.19
CA VAL B 16 -6.90 -16.88 2.08
C VAL B 16 -7.82 -16.69 3.28
N LEU B 17 -7.24 -16.65 4.47
CA LEU B 17 -8.01 -16.37 5.68
C LEU B 17 -8.70 -15.01 5.57
N ARG B 18 -7.95 -14.01 5.14
CA ARG B 18 -8.49 -12.67 4.97
C ARG B 18 -9.67 -12.68 4.01
N VAL B 19 -9.52 -13.37 2.89
CA VAL B 19 -10.57 -13.45 1.89
C VAL B 19 -11.80 -14.18 2.42
N CYS B 20 -11.58 -15.26 3.17
CA CYS B 20 -12.66 -16.00 3.79
C CYS B 20 -13.48 -15.09 4.71
N MET B 21 -12.79 -14.28 5.49
CA MET B 21 -13.45 -13.31 6.36
C MET B 21 -14.28 -12.35 5.52
N GLU B 22 -13.69 -11.87 4.43
CA GLU B 22 -14.34 -10.88 3.56
C GLU B 22 -15.56 -11.45 2.86
N LYS B 23 -15.50 -12.73 2.46
CA LYS B 23 -16.59 -13.36 1.74
C LYS B 23 -17.53 -14.14 2.67
N GLY B 24 -17.27 -14.06 3.98
CA GLY B 24 -18.12 -14.68 4.97
C GLY B 24 -18.05 -16.19 5.00
N ILE B 25 -16.87 -16.75 4.72
CA ILE B 25 -16.69 -18.20 4.78
C ILE B 25 -16.01 -18.60 6.07
N ARG B 26 -16.58 -19.58 6.75
CA ARG B 26 -16.11 -19.95 8.08
C ARG B 26 -14.87 -20.81 8.05
N VAL B 27 -13.79 -20.27 8.61
CA VAL B 27 -12.55 -21.03 8.79
C VAL B 27 -12.54 -21.62 10.20
N VAL B 28 -12.38 -22.93 10.29
CA VAL B 28 -12.47 -23.62 11.57
C VAL B 28 -11.10 -23.96 12.16
N ALA B 29 -10.07 -23.98 11.33
CA ALA B 29 -8.74 -24.31 11.83
C ALA B 29 -7.61 -23.79 10.95
N VAL B 30 -6.50 -23.46 11.58
CA VAL B 30 -5.26 -23.18 10.89
C VAL B 30 -4.19 -24.09 11.48
N ASN B 31 -3.46 -24.79 10.63
CA ASN B 31 -2.33 -25.59 11.09
C ASN B 31 -1.00 -25.06 10.55
N ASP B 32 -0.04 -24.93 11.45
CA ASP B 32 1.33 -24.58 11.08
C ASP B 32 2.26 -25.08 12.19
N PRO B 33 3.26 -25.89 11.82
CA PRO B 33 4.18 -26.51 12.79
C PRO B 33 5.10 -25.50 13.45
N PHE B 34 5.29 -24.36 12.80
CA PHE B 34 6.31 -23.40 13.21
C PHE B 34 5.73 -22.14 13.85
N ILE B 35 4.61 -21.66 13.31
CA ILE B 35 4.03 -20.40 13.77
C ILE B 35 3.00 -20.61 14.88
N ASP B 36 3.37 -20.23 16.09
CA ASP B 36 2.48 -20.30 17.24
C ASP B 36 1.35 -19.27 17.14
N PRO B 37 0.25 -19.48 17.89
CA PRO B 37 -0.96 -18.65 17.89
C PRO B 37 -0.70 -17.16 18.13
N GLU B 38 0.14 -16.84 19.12
CA GLU B 38 0.44 -15.44 19.41
C GLU B 38 1.13 -14.80 18.22
N TYR B 39 2.01 -15.56 17.58
CA TYR B 39 2.73 -15.07 16.41
C TYR B 39 1.78 -14.97 15.21
N MET B 40 0.83 -15.90 15.09
CA MET B 40 -0.17 -15.84 14.03
C MET B 40 -0.88 -14.51 14.05
N VAL B 41 -1.28 -14.10 15.25
CA VAL B 41 -1.94 -12.82 15.45
C VAL B 41 -1.15 -11.70 14.80
N TYR B 42 0.12 -11.63 15.14
CA TYR B 42 1.01 -10.60 14.60
C TYR B 42 1.10 -10.62 13.07
N MET B 43 1.31 -11.80 12.51
CA MET B 43 1.51 -11.96 11.07
C MET B 43 0.26 -11.61 10.28
N PHE B 44 -0.90 -11.88 10.89
CA PHE B 44 -2.18 -11.60 10.26
C PHE B 44 -2.59 -10.14 10.42
N LYS B 45 -2.27 -9.58 11.59
CA LYS B 45 -2.68 -8.23 11.94
C LYS B 45 -1.99 -7.19 11.06
N TYR B 46 -0.70 -7.40 10.81
CA TYR B 46 0.11 -6.45 10.05
C TYR B 46 0.60 -7.10 8.76
N ASP B 47 0.55 -6.33 7.68
CA ASP B 47 1.04 -6.81 6.39
C ASP B 47 1.66 -5.68 5.59
N SER B 48 2.93 -5.86 5.24
CA SER B 48 3.70 -4.82 4.57
C SER B 48 3.11 -4.39 3.22
N THR B 49 2.53 -5.31 2.46
CA THR B 49 1.98 -4.95 1.15
C THR B 49 0.47 -4.72 1.15
N HIS B 50 -0.27 -5.47 1.97
CA HIS B 50 -1.73 -5.36 1.97
C HIS B 50 -2.32 -4.54 3.12
N GLY B 51 -1.46 -3.99 3.97
CA GLY B 51 -1.92 -3.13 5.05
C GLY B 51 -2.42 -3.91 6.25
N ARG B 52 -2.78 -3.19 7.31
CA ARG B 52 -3.26 -3.81 8.54
C ARG B 52 -4.59 -4.47 8.28
N TYR B 53 -4.85 -5.59 8.94
CA TYR B 53 -6.17 -6.21 8.86
C TYR B 53 -7.21 -5.22 9.37
N LYS B 54 -8.28 -5.05 8.62
CA LYS B 54 -9.26 -4.00 8.87
C LYS B 54 -10.25 -4.33 9.98
N GLY B 55 -10.07 -5.50 10.59
CA GLY B 55 -10.87 -5.89 11.73
C GLY B 55 -10.03 -6.08 12.97
N ASN B 56 -10.44 -7.02 13.81
CA ASN B 56 -9.74 -7.31 15.06
C ASN B 56 -9.14 -8.71 15.08
N VAL B 57 -7.98 -8.84 15.70
CA VAL B 57 -7.30 -10.12 15.80
C VAL B 57 -6.69 -10.31 17.17
N GLU B 58 -7.00 -11.44 17.79
CA GLU B 58 -6.49 -11.75 19.12
C GLU B 58 -6.21 -13.23 19.26
N HIS B 59 -5.50 -13.59 20.32
CA HIS B 59 -5.24 -14.98 20.68
C HIS B 59 -5.91 -15.25 22.02
N LYS B 60 -6.54 -16.40 22.15
CA LYS B 60 -7.21 -16.77 23.40
C LYS B 60 -7.32 -18.28 23.56
N ASN B 61 -6.75 -18.81 24.64
CA ASN B 61 -6.86 -20.23 24.96
C ASN B 61 -6.40 -21.14 23.82
N GLY B 62 -5.31 -20.75 23.16
CA GLY B 62 -4.80 -21.51 22.05
C GLY B 62 -5.64 -21.39 20.80
N GLN B 63 -6.47 -20.35 20.71
CA GLN B 63 -7.26 -20.14 19.50
C GLN B 63 -6.93 -18.79 18.88
N LEU B 64 -6.97 -18.73 17.55
CA LEU B 64 -6.89 -17.46 16.83
C LEU B 64 -8.30 -16.88 16.73
N VAL B 65 -8.47 -15.66 17.21
CA VAL B 65 -9.78 -15.04 17.20
C VAL B 65 -9.81 -13.84 16.28
N VAL B 66 -10.57 -13.96 15.19
CA VAL B 66 -10.67 -12.91 14.18
C VAL B 66 -12.11 -12.43 14.09
N ASP B 67 -12.33 -11.14 14.37
CA ASP B 67 -13.66 -10.55 14.38
C ASP B 67 -14.67 -11.44 15.11
N ASN B 68 -14.28 -11.87 16.31
CA ASN B 68 -15.13 -12.70 17.17
C ASN B 68 -15.27 -14.15 16.72
N LEU B 69 -14.75 -14.47 15.54
CA LEU B 69 -14.71 -15.84 15.07
C LEU B 69 -13.56 -16.58 15.73
N GLU B 70 -13.88 -17.63 16.50
CA GLU B 70 -12.85 -18.42 17.16
C GLU B 70 -12.34 -19.52 16.23
N ILE B 71 -11.04 -19.49 15.95
CA ILE B 71 -10.45 -20.43 15.02
C ILE B 71 -9.46 -21.33 15.73
N ASN B 72 -9.64 -22.63 15.59
CA ASN B 72 -8.73 -23.61 16.17
C ASN B 72 -7.36 -23.51 15.53
N THR B 73 -6.33 -23.82 16.30
CA THR B 73 -4.98 -23.84 15.77
C THR B 73 -4.24 -25.12 16.14
N TYR B 74 -3.44 -25.62 15.21
CA TYR B 74 -2.65 -26.83 15.44
C TYR B 74 -1.22 -26.58 14.98
N GLN B 75 -0.29 -27.40 15.50
CA GLN B 75 1.09 -27.32 15.06
C GLN B 75 1.59 -28.70 14.64
N CYS B 76 0.92 -29.30 13.65
CA CYS B 76 1.29 -30.62 13.19
C CYS B 76 2.24 -30.57 12.00
N LYS B 77 3.30 -31.37 12.08
CA LYS B 77 4.29 -31.43 11.02
C LYS B 77 3.83 -32.38 9.92
N ASP B 78 2.86 -33.22 10.28
CA ASP B 78 2.36 -34.24 9.37
C ASP B 78 0.84 -34.11 9.21
N PRO B 79 0.38 -33.87 7.97
CA PRO B 79 -1.05 -33.73 7.66
C PRO B 79 -1.89 -34.88 8.23
N LYS B 80 -1.30 -36.06 8.33
CA LYS B 80 -2.01 -37.24 8.83
C LYS B 80 -2.48 -37.04 10.27
N GLU B 81 -1.76 -36.21 11.02
CA GLU B 81 -2.04 -36.00 12.43
C GLU B 81 -2.98 -34.83 12.71
N ILE B 82 -3.40 -34.13 11.67
CA ILE B 82 -4.35 -33.03 11.85
C ILE B 82 -5.77 -33.55 12.01
N PRO B 83 -6.42 -33.22 13.13
CA PRO B 83 -7.74 -33.76 13.51
C PRO B 83 -8.92 -33.18 12.72
N TRP B 84 -8.84 -33.13 11.38
CA TRP B 84 -9.93 -32.57 10.58
C TRP B 84 -11.28 -33.14 10.95
N SER B 85 -11.34 -34.47 11.12
CA SER B 85 -12.61 -35.13 11.37
C SER B 85 -13.26 -34.73 12.70
N SER B 86 -12.44 -34.31 13.67
CA SER B 86 -12.96 -33.90 14.98
C SER B 86 -13.61 -32.51 14.96
N ILE B 87 -13.39 -31.76 13.87
CA ILE B 87 -13.94 -30.41 13.75
C ILE B 87 -14.79 -30.28 12.49
N GLY B 88 -15.76 -31.18 12.36
CA GLY B 88 -16.52 -31.29 11.14
C GLY B 88 -15.58 -31.91 10.14
N ASN B 89 -15.93 -31.90 8.87
CA ASN B 89 -15.04 -32.42 7.85
C ASN B 89 -14.84 -31.35 6.80
N PRO B 90 -14.03 -30.34 7.14
CA PRO B 90 -13.90 -29.15 6.30
C PRO B 90 -13.20 -29.40 4.99
N TYR B 91 -13.43 -28.51 4.03
CA TYR B 91 -12.58 -28.42 2.88
C TYR B 91 -11.24 -27.92 3.39
N VAL B 92 -10.15 -28.43 2.84
CA VAL B 92 -8.84 -28.02 3.30
C VAL B 92 -8.04 -27.34 2.20
N VAL B 93 -7.48 -26.19 2.55
CA VAL B 93 -6.60 -25.48 1.63
C VAL B 93 -5.16 -25.81 2.00
N GLU B 94 -4.46 -26.43 1.06
CA GLU B 94 -3.10 -26.92 1.29
C GLU B 94 -2.10 -25.92 0.71
N CYS B 95 -1.50 -25.12 1.59
CA CYS B 95 -0.70 -23.96 1.20
C CYS B 95 0.80 -24.07 1.51
N THR B 96 1.26 -25.24 1.92
CA THR B 96 2.66 -25.37 2.34
C THR B 96 3.60 -25.45 1.14
N GLY B 97 3.08 -25.88 0.01
CA GLY B 97 3.90 -26.09 -1.17
C GLY B 97 4.64 -27.42 -1.13
N VAL B 98 4.38 -28.19 -0.07
CA VAL B 98 5.13 -29.41 0.19
C VAL B 98 4.33 -30.69 -0.16
N TYR B 99 3.01 -30.57 -0.24
CA TYR B 99 2.17 -31.73 -0.57
C TYR B 99 1.34 -31.45 -1.82
N LEU B 100 1.97 -31.61 -2.98
CA LEU B 100 1.38 -31.20 -4.25
C LEU B 100 0.67 -32.33 -5.00
N SER B 101 1.16 -33.55 -4.85
CA SER B 101 0.58 -34.71 -5.55
C SER B 101 -0.71 -35.17 -4.87
N ILE B 102 -1.54 -35.92 -5.60
CA ILE B 102 -2.76 -36.44 -5.00
C ILE B 102 -2.43 -37.35 -3.83
N GLU B 103 -1.36 -38.13 -3.96
CA GLU B 103 -0.96 -39.06 -2.90
C GLU B 103 -0.54 -38.30 -1.64
N ALA B 104 0.32 -37.29 -1.82
CA ALA B 104 0.80 -36.49 -0.71
C ALA B 104 -0.35 -35.75 -0.02
N ALA B 105 -1.21 -35.12 -0.82
CA ALA B 105 -2.32 -34.34 -0.30
C ALA B 105 -3.40 -35.23 0.29
N SER B 106 -3.47 -36.49 -0.15
CA SER B 106 -4.50 -37.41 0.31
C SER B 106 -4.37 -37.67 1.82
N ALA B 107 -3.22 -37.33 2.38
CA ALA B 107 -3.02 -37.42 3.82
C ALA B 107 -4.11 -36.63 4.56
N HIS B 108 -4.49 -35.50 4.00
CA HIS B 108 -5.53 -34.66 4.59
C HIS B 108 -6.85 -35.41 4.61
N ILE B 109 -7.14 -36.10 3.51
CA ILE B 109 -8.37 -36.86 3.36
C ILE B 109 -8.48 -37.96 4.40
N SER B 110 -7.39 -38.72 4.56
CA SER B 110 -7.38 -39.81 5.52
C SER B 110 -7.55 -39.32 6.96
N SER B 111 -7.22 -38.06 7.20
CA SER B 111 -7.41 -37.47 8.53
C SER B 111 -8.73 -36.72 8.67
N GLY B 112 -9.56 -36.74 7.62
CA GLY B 112 -10.94 -36.27 7.74
C GLY B 112 -11.37 -35.13 6.83
N ALA B 113 -10.47 -34.63 5.98
CA ALA B 113 -10.84 -33.55 5.08
C ALA B 113 -11.81 -34.06 4.03
N ARG B 114 -12.89 -33.31 3.79
CA ARG B 114 -13.88 -33.72 2.80
C ARG B 114 -13.32 -33.53 1.40
N ARG B 115 -12.59 -32.43 1.21
CA ARG B 115 -11.90 -32.17 -0.05
C ARG B 115 -10.69 -31.29 0.20
N VAL B 116 -9.80 -31.25 -0.80
CA VAL B 116 -8.54 -30.53 -0.66
C VAL B 116 -8.25 -29.70 -1.89
N VAL B 117 -7.92 -28.44 -1.68
CA VAL B 117 -7.44 -27.58 -2.75
C VAL B 117 -5.96 -27.27 -2.55
N VAL B 118 -5.15 -27.70 -3.50
CA VAL B 118 -3.72 -27.41 -3.48
C VAL B 118 -3.49 -26.07 -4.15
N THR B 119 -2.86 -25.15 -3.43
CA THR B 119 -2.67 -23.78 -3.89
C THR B 119 -1.39 -23.64 -4.71
N ALA B 120 -1.24 -24.54 -5.67
CA ALA B 120 -0.05 -24.62 -6.49
C ALA B 120 -0.31 -25.65 -7.57
N PRO B 121 0.46 -25.60 -8.67
CA PRO B 121 0.31 -26.65 -9.68
C PRO B 121 0.60 -28.02 -9.08
N SER B 122 -0.05 -29.04 -9.61
CA SER B 122 0.16 -30.41 -9.14
C SER B 122 0.55 -31.32 -10.30
N PRO B 123 1.44 -32.28 -10.03
CA PRO B 123 1.87 -33.24 -11.04
C PRO B 123 0.70 -34.02 -11.64
N ASP B 124 -0.30 -34.34 -10.82
CA ASP B 124 -1.40 -35.20 -11.25
C ASP B 124 -2.81 -34.75 -10.84
N ALA B 125 -2.94 -33.91 -9.82
CA ALA B 125 -4.26 -33.45 -9.40
C ALA B 125 -4.91 -32.59 -10.49
N PRO B 126 -6.23 -32.75 -10.69
CA PRO B 126 -6.96 -31.94 -11.67
C PRO B 126 -6.83 -30.46 -11.37
N MET B 127 -6.59 -29.68 -12.41
CA MET B 127 -6.26 -28.28 -12.25
C MET B 127 -7.39 -27.41 -12.78
N PHE B 128 -7.72 -26.36 -12.04
CA PHE B 128 -8.83 -25.50 -12.39
C PHE B 128 -8.51 -24.02 -12.33
N VAL B 129 -9.01 -23.30 -13.32
CA VAL B 129 -8.96 -21.86 -13.39
C VAL B 129 -10.40 -21.37 -13.47
N MET B 130 -10.84 -20.67 -12.42
CA MET B 130 -12.19 -20.13 -12.38
C MET B 130 -12.42 -19.25 -13.60
N GLY B 131 -13.57 -19.42 -14.23
CA GLY B 131 -13.91 -18.69 -15.43
C GLY B 131 -13.49 -19.40 -16.70
N VAL B 132 -12.71 -20.46 -16.57
CA VAL B 132 -12.17 -21.17 -17.72
C VAL B 132 -12.66 -22.62 -17.78
N ASN B 133 -12.50 -23.37 -16.70
CA ASN B 133 -12.86 -24.80 -16.72
C ASN B 133 -13.42 -25.37 -15.41
N GLU B 134 -13.89 -24.52 -14.49
CA GLU B 134 -14.30 -25.06 -13.18
C GLU B 134 -15.48 -26.03 -13.31
N LYS B 135 -16.19 -25.92 -14.43
CA LYS B 135 -17.39 -26.72 -14.67
C LYS B 135 -17.02 -28.17 -14.96
N ASP B 136 -15.75 -28.41 -15.28
CA ASP B 136 -15.24 -29.76 -15.46
C ASP B 136 -14.94 -30.43 -14.11
N TYR B 137 -15.01 -29.67 -13.02
CA TYR B 137 -14.92 -30.26 -11.69
C TYR B 137 -16.04 -31.28 -11.49
N ASN B 138 -15.71 -32.44 -10.94
CA ASN B 138 -16.71 -33.46 -10.66
C ASN B 138 -16.51 -34.07 -9.28
N PRO B 139 -17.45 -33.81 -8.36
CA PRO B 139 -17.39 -34.22 -6.95
C PRO B 139 -17.45 -35.72 -6.77
N GLY B 140 -17.97 -36.42 -7.78
CA GLY B 140 -18.02 -37.87 -7.75
C GLY B 140 -16.65 -38.50 -7.80
N SER B 141 -15.71 -37.83 -8.45
CA SER B 141 -14.39 -38.39 -8.72
C SER B 141 -13.21 -37.54 -8.24
N MET B 142 -13.47 -36.29 -7.84
CA MET B 142 -12.39 -35.37 -7.52
C MET B 142 -12.43 -34.87 -6.09
N THR B 143 -11.65 -35.52 -5.24
CA THR B 143 -11.56 -35.15 -3.85
C THR B 143 -10.37 -34.20 -3.62
N ILE B 144 -9.39 -34.27 -4.53
CA ILE B 144 -8.20 -33.44 -4.45
C ILE B 144 -8.00 -32.66 -5.74
N VAL B 145 -7.86 -31.35 -5.61
CA VAL B 145 -7.86 -30.46 -6.76
C VAL B 145 -6.76 -29.40 -6.63
N SER B 146 -6.36 -28.84 -7.78
CA SER B 146 -5.38 -27.76 -7.80
C SER B 146 -5.99 -26.51 -8.40
N ASN B 147 -5.61 -25.36 -7.85
CA ASN B 147 -6.06 -24.07 -8.34
C ASN B 147 -5.03 -23.47 -9.32
N ALA B 148 -4.15 -24.33 -9.83
CA ALA B 148 -3.10 -23.90 -10.73
C ALA B 148 -2.19 -22.85 -10.08
N SER B 149 -1.60 -21.98 -10.90
CA SER B 149 -0.73 -20.93 -10.40
C SER B 149 -1.33 -19.53 -10.59
N THR B 151 0.07 -17.14 -12.09
CA THR B 151 0.40 -16.80 -13.48
C THR B 151 -0.58 -17.43 -14.48
N THR B 152 -0.82 -18.73 -14.34
CA THR B 152 -1.75 -19.44 -15.21
C THR B 152 -3.16 -18.84 -15.08
N ASN B 153 -3.52 -18.42 -13.88
CA ASN B 153 -4.82 -17.79 -13.64
C ASN B 153 -4.96 -16.42 -14.32
N CYS B 154 -3.86 -15.75 -14.57
CA CYS B 154 -3.88 -14.48 -15.31
C CYS B 154 -3.96 -14.73 -16.81
N LEU B 155 -3.17 -15.69 -17.29
CA LEU B 155 -3.04 -15.91 -18.73
C LEU B 155 -4.23 -16.64 -19.33
N ALA B 156 -4.72 -17.66 -18.64
CA ALA B 156 -5.75 -18.53 -19.19
C ALA B 156 -7.03 -17.79 -19.59
N PRO B 157 -7.58 -16.95 -18.69
CA PRO B 157 -8.78 -16.20 -19.07
C PRO B 157 -8.58 -15.37 -20.32
N LEU B 158 -7.41 -14.76 -20.46
CA LEU B 158 -7.11 -13.94 -21.64
C LEU B 158 -6.95 -14.82 -22.88
N ALA B 159 -6.28 -15.96 -22.71
CA ALA B 159 -6.05 -16.90 -23.81
C ALA B 159 -7.37 -17.45 -24.32
N LYS B 160 -8.29 -17.70 -23.40
CA LYS B 160 -9.63 -18.17 -23.75
C LYS B 160 -10.31 -17.23 -24.72
N VAL B 161 -10.35 -15.95 -24.37
CA VAL B 161 -11.01 -14.94 -25.18
C VAL B 161 -10.36 -14.81 -26.55
N ILE B 162 -9.04 -14.75 -26.58
CA ILE B 162 -8.29 -14.57 -27.82
C ILE B 162 -8.45 -15.79 -28.74
N HIS B 163 -8.39 -16.98 -28.14
CA HIS B 163 -8.53 -18.22 -28.91
C HIS B 163 -9.92 -18.39 -29.49
N GLU B 164 -10.93 -18.16 -28.66
CA GLU B 164 -12.32 -18.33 -29.06
C GLU B 164 -12.76 -17.33 -30.12
N ASN B 165 -12.21 -16.12 -30.08
CA ASN B 165 -12.53 -15.08 -31.06
C ASN B 165 -11.68 -15.15 -32.33
N PHE B 166 -10.39 -15.41 -32.18
CA PHE B 166 -9.44 -15.27 -33.28
C PHE B 166 -8.63 -16.52 -33.57
N GLY B 167 -8.43 -17.36 -32.56
CA GLY B 167 -7.60 -18.53 -32.72
C GLY B 167 -6.12 -18.21 -32.52
N ILE B 168 -5.55 -18.84 -31.51
CA ILE B 168 -4.12 -18.78 -31.22
C ILE B 168 -3.45 -19.95 -31.91
N VAL B 169 -2.65 -19.63 -32.91
CA VAL B 169 -1.87 -20.65 -33.61
C VAL B 169 -0.73 -21.09 -32.68
N GLU B 170 -0.04 -20.10 -32.14
CA GLU B 170 1.03 -20.33 -31.19
C GLU B 170 1.32 -19.06 -30.40
N GLY B 171 1.78 -19.23 -29.16
CA GLY B 171 2.06 -18.08 -28.31
C GLY B 171 3.25 -18.35 -27.40
N LEU B 172 4.00 -17.28 -27.12
CA LEU B 172 5.09 -17.33 -26.15
C LEU B 172 4.88 -16.25 -25.10
N MET B 173 4.96 -16.64 -23.83
CA MET B 173 4.63 -15.75 -22.72
C MET B 173 5.87 -15.38 -21.92
N THR B 174 5.95 -14.11 -21.54
CA THR B 174 6.85 -13.68 -20.48
C THR B 174 6.05 -13.03 -19.36
N THR B 175 6.30 -13.42 -18.12
CA THR B 175 5.76 -12.71 -16.98
C THR B 175 6.85 -11.93 -16.24
N VAL B 176 6.62 -10.63 -16.08
CA VAL B 176 7.51 -9.81 -15.27
C VAL B 176 6.90 -9.83 -13.88
N HIS B 177 7.59 -10.52 -12.98
CA HIS B 177 7.00 -10.99 -11.75
C HIS B 177 7.69 -10.41 -10.53
N SER B 178 6.89 -10.06 -9.53
CA SER B 178 7.43 -9.59 -8.26
C SER B 178 8.16 -10.72 -7.55
N TYR B 179 9.14 -10.37 -6.72
CA TYR B 179 9.86 -11.38 -5.97
C TYR B 179 8.96 -12.03 -4.92
N THR B 180 9.38 -13.20 -4.45
CA THR B 180 8.56 -14.01 -3.56
C THR B 180 9.37 -14.57 -2.40
N ALA B 181 8.67 -15.28 -1.51
CA ALA B 181 9.26 -15.83 -0.30
C ALA B 181 10.35 -16.87 -0.56
N THR B 182 10.35 -17.48 -1.74
CA THR B 182 11.35 -18.50 -2.05
C THR B 182 12.69 -17.85 -2.39
N GLN B 183 12.66 -16.54 -2.61
CA GLN B 183 13.87 -15.80 -2.96
C GLN B 183 14.67 -15.31 -1.76
N LYS B 184 15.79 -14.66 -2.05
CA LYS B 184 16.75 -14.26 -1.03
C LYS B 184 16.98 -12.76 -1.03
N THR B 185 17.23 -12.20 0.14
CA THR B 185 17.47 -10.77 0.30
C THR B 185 18.85 -10.42 -0.29
N VAL B 186 19.83 -11.29 -0.03
CA VAL B 186 21.17 -11.16 -0.61
C VAL B 186 21.62 -12.50 -1.18
N ASP B 187 22.61 -12.48 -2.07
CA ASP B 187 23.12 -13.70 -2.70
C ASP B 187 23.29 -14.83 -1.69
N GLY B 188 22.45 -15.85 -1.81
CA GLY B 188 22.48 -16.99 -0.90
C GLY B 188 22.13 -18.29 -1.61
N PRO B 189 21.99 -19.38 -0.85
CA PRO B 189 21.86 -20.74 -1.42
C PRO B 189 20.49 -21.04 -2.02
N SER B 190 20.49 -21.59 -3.23
CA SER B 190 19.29 -22.02 -3.94
C SER B 190 19.73 -23.06 -4.95
N LYS B 191 20.07 -24.25 -4.44
CA LYS B 191 20.84 -25.23 -5.22
C LYS B 191 20.14 -25.84 -6.45
N LYS B 192 18.82 -25.79 -6.52
CA LYS B 192 18.15 -26.18 -7.77
C LYS B 192 17.48 -25.02 -8.49
N ASP B 193 17.95 -23.82 -8.19
CA ASP B 193 17.58 -22.62 -8.92
C ASP B 193 18.61 -21.57 -8.55
N TRP B 194 19.78 -21.67 -9.17
CA TRP B 194 20.92 -20.82 -8.83
C TRP B 194 20.61 -19.34 -8.97
N ARG B 195 19.96 -18.98 -10.07
CA ARG B 195 19.62 -17.58 -10.32
C ARG B 195 18.69 -17.07 -9.22
N GLY B 196 17.77 -17.92 -8.80
CA GLY B 196 16.82 -17.59 -7.75
C GLY B 196 17.43 -17.38 -6.37
N GLY B 197 18.70 -17.71 -6.21
CA GLY B 197 19.40 -17.47 -4.96
C GLY B 197 19.98 -16.07 -4.89
N ARG B 198 20.13 -15.43 -6.04
CA ARG B 198 20.73 -14.11 -6.14
C ARG B 198 19.82 -13.02 -5.57
N GLY B 199 20.42 -11.94 -5.06
CA GLY B 199 19.69 -10.88 -4.41
C GLY B 199 18.45 -10.43 -5.17
N ALA B 200 17.29 -10.64 -4.57
CA ALA B 200 16.01 -10.43 -5.24
C ALA B 200 15.75 -8.96 -5.54
N HIS B 201 16.26 -8.19 -4.56
CA HIS B 201 16.15 -6.75 -4.49
C HIS B 201 17.09 -5.95 -5.49
N GLN B 202 18.22 -6.54 -5.90
CA GLN B 202 19.26 -5.93 -6.72
C GLN B 202 19.13 -6.33 -8.17
N ASN B 203 18.33 -7.37 -8.44
CA ASN B 203 18.40 -8.06 -9.72
C ASN B 203 17.11 -8.23 -10.51
N ILE B 204 17.29 -8.25 -11.83
CA ILE B 204 16.34 -8.85 -12.74
C ILE B 204 16.79 -10.29 -12.91
N ILE B 205 15.91 -11.23 -12.56
CA ILE B 205 16.28 -12.63 -12.49
C ILE B 205 15.45 -13.51 -13.40
N PRO B 206 16.07 -14.02 -14.48
CA PRO B 206 15.36 -14.97 -15.34
C PRO B 206 14.93 -16.21 -14.58
N SER B 207 13.74 -16.70 -14.88
CA SER B 207 13.20 -17.86 -14.20
C SER B 207 12.37 -18.69 -15.15
N SER B 208 12.37 -20.00 -14.93
CA SER B 208 11.61 -20.92 -15.75
C SER B 208 10.28 -21.20 -15.06
N THR B 209 9.20 -21.06 -15.82
CA THR B 209 7.87 -21.34 -15.32
C THR B 209 7.13 -22.22 -16.31
N GLY B 210 6.36 -23.17 -15.80
CA GLY B 210 5.51 -23.99 -16.65
C GLY B 210 4.11 -23.41 -16.75
N ALA B 211 3.95 -22.18 -16.27
CA ALA B 211 2.64 -21.55 -16.14
C ALA B 211 1.91 -21.39 -17.47
N ALA B 212 2.65 -21.07 -18.53
CA ALA B 212 2.04 -20.84 -19.83
C ALA B 212 1.63 -22.15 -20.50
N LYS B 213 2.52 -23.13 -20.44
CA LYS B 213 2.23 -24.45 -20.99
C LYS B 213 1.02 -25.07 -20.28
N ALA B 214 0.93 -24.82 -18.97
CA ALA B 214 -0.12 -25.41 -18.14
C ALA B 214 -1.52 -24.91 -18.53
N VAL B 215 -1.57 -23.83 -19.29
CA VAL B 215 -2.84 -23.34 -19.82
C VAL B 215 -3.49 -24.41 -20.68
N GLY B 216 -2.65 -25.25 -21.31
CA GLY B 216 -3.13 -26.33 -22.14
C GLY B 216 -3.85 -27.42 -21.35
N LYS B 217 -3.68 -27.40 -20.04
CA LYS B 217 -4.37 -28.35 -19.17
C LYS B 217 -5.80 -27.91 -18.87
N VAL B 218 -6.03 -26.60 -18.88
CA VAL B 218 -7.36 -26.05 -18.62
C VAL B 218 -8.05 -25.62 -19.90
N ILE B 219 -7.28 -25.45 -20.96
CA ILE B 219 -7.81 -25.24 -22.30
C ILE B 219 -7.14 -26.22 -23.25
N PRO B 220 -7.69 -27.43 -23.35
CA PRO B 220 -7.11 -28.53 -24.13
C PRO B 220 -6.76 -28.17 -25.57
N GLU B 221 -7.54 -27.29 -26.19
CA GLU B 221 -7.26 -26.88 -27.56
C GLU B 221 -5.93 -26.13 -27.69
N LEU B 222 -5.38 -25.69 -26.56
CA LEU B 222 -4.11 -24.97 -26.57
C LEU B 222 -2.93 -25.81 -26.13
N LYS B 223 -3.16 -27.10 -25.87
CA LYS B 223 -2.06 -27.99 -25.54
C LYS B 223 -1.00 -27.94 -26.65
N GLY B 224 0.26 -27.75 -26.26
CA GLY B 224 1.35 -27.64 -27.22
C GLY B 224 1.46 -26.33 -27.98
N LYS B 225 0.59 -25.37 -27.68
CA LYS B 225 0.60 -24.10 -28.41
C LYS B 225 1.14 -22.93 -27.58
N LEU B 226 1.44 -23.19 -26.32
CA LEU B 226 1.96 -22.15 -25.44
C LEU B 226 3.10 -22.62 -24.57
N THR B 227 4.11 -21.77 -24.43
CA THR B 227 5.07 -21.87 -23.34
C THR B 227 5.61 -20.49 -23.01
N GLY B 228 6.57 -20.40 -22.10
CA GLY B 228 7.10 -19.11 -21.73
C GLY B 228 8.10 -19.15 -20.59
N MET B 229 8.38 -17.98 -20.03
CA MET B 229 9.30 -17.87 -18.93
C MET B 229 9.03 -16.61 -18.12
N ALA B 230 9.89 -16.34 -17.14
CA ALA B 230 9.67 -15.22 -16.23
C ALA B 230 10.92 -14.37 -16.02
N PHE B 231 10.71 -13.12 -15.65
CA PHE B 231 11.74 -12.29 -15.05
C PHE B 231 11.24 -11.84 -13.69
N ARG B 232 11.95 -12.23 -12.62
CA ARG B 232 11.63 -11.73 -11.30
C ARG B 232 12.38 -10.41 -11.06
N VAL B 233 11.62 -9.39 -10.67
CA VAL B 233 12.17 -8.04 -10.52
C VAL B 233 11.88 -7.48 -9.13
N PRO B 234 12.58 -6.40 -8.74
CA PRO B 234 12.49 -5.87 -7.38
C PRO B 234 11.19 -5.13 -7.05
N THR B 235 10.06 -5.80 -7.19
CA THR B 235 8.80 -5.31 -6.61
C THR B 235 8.22 -6.38 -5.69
N PRO B 236 7.58 -5.96 -4.60
CA PRO B 236 7.10 -6.89 -3.57
C PRO B 236 5.80 -7.60 -3.92
N ASN B 237 5.06 -7.06 -4.88
CA ASN B 237 3.80 -7.65 -5.30
C ASN B 237 3.21 -7.02 -6.55
N VAL B 238 2.38 -7.79 -7.24
CA VAL B 238 1.82 -7.44 -8.54
C VAL B 238 2.80 -7.81 -9.65
N SER B 239 2.27 -8.49 -10.66
CA SER B 239 3.06 -9.03 -11.75
C SER B 239 2.31 -8.76 -13.03
N VAL B 240 2.94 -9.04 -14.16
CA VAL B 240 2.32 -8.72 -15.44
C VAL B 240 2.66 -9.74 -16.50
N VAL B 241 1.64 -10.15 -17.24
CA VAL B 241 1.81 -11.10 -18.32
C VAL B 241 1.98 -10.40 -19.65
N ASP B 242 2.95 -10.88 -20.42
CA ASP B 242 3.31 -10.31 -21.70
C ASP B 242 3.23 -11.45 -22.71
N LEU B 243 2.11 -11.51 -23.43
CA LEU B 243 1.83 -12.63 -24.32
C LEU B 243 2.02 -12.24 -25.77
N THR B 244 2.97 -12.88 -26.43
CA THR B 244 3.18 -12.67 -27.86
C THR B 244 2.60 -13.87 -28.59
N CYS B 245 1.58 -13.63 -29.40
CA CYS B 245 0.89 -14.72 -30.06
C CYS B 245 0.64 -14.46 -31.54
N ARG B 246 0.64 -15.53 -32.31
CA ARG B 246 0.17 -15.45 -33.68
C ARG B 246 -1.27 -15.95 -33.77
N LEU B 247 -2.11 -15.17 -34.42
CA LEU B 247 -3.53 -15.45 -34.50
C LEU B 247 -3.88 -16.11 -35.83
N ALA B 248 -4.87 -16.99 -35.80
CA ALA B 248 -5.36 -17.65 -36.99
C ALA B 248 -6.11 -16.65 -37.86
N LYS B 249 -7.21 -16.14 -37.32
CA LYS B 249 -8.00 -15.11 -38.00
C LYS B 249 -7.41 -13.73 -37.74
N PRO B 250 -7.25 -12.92 -38.81
CA PRO B 250 -6.69 -11.58 -38.64
C PRO B 250 -7.56 -10.69 -37.77
N ALA B 251 -6.92 -9.90 -36.92
CA ALA B 251 -7.65 -9.08 -35.95
C ALA B 251 -6.92 -7.76 -35.75
N SER B 252 -7.62 -6.68 -36.05
CA SER B 252 -7.13 -5.34 -35.75
C SER B 252 -6.94 -5.28 -34.25
N TYR B 253 -6.17 -4.30 -33.79
CA TYR B 253 -5.97 -4.18 -32.35
C TYR B 253 -7.28 -3.80 -31.66
N SER B 254 -8.09 -2.98 -32.33
CA SER B 254 -9.38 -2.56 -31.77
C SER B 254 -10.40 -3.70 -31.69
N ALA B 255 -10.34 -4.64 -32.62
CA ALA B 255 -11.18 -5.84 -32.56
C ALA B 255 -10.81 -6.68 -31.35
N ILE B 256 -9.52 -6.75 -31.06
CA ILE B 256 -9.02 -7.50 -29.91
C ILE B 256 -9.51 -6.90 -28.61
N THR B 257 -9.36 -5.58 -28.48
CA THR B 257 -9.75 -4.90 -27.25
C THR B 257 -11.25 -4.96 -27.04
N GLU B 258 -12.01 -4.88 -28.13
CA GLU B 258 -13.46 -4.98 -28.04
C GLU B 258 -13.92 -6.36 -27.56
N ALA B 259 -13.23 -7.40 -28.01
CA ALA B 259 -13.52 -8.77 -27.57
C ALA B 259 -13.26 -8.95 -26.08
N VAL B 260 -12.12 -8.44 -25.62
CA VAL B 260 -11.72 -8.57 -24.22
C VAL B 260 -12.69 -7.79 -23.35
N LYS B 261 -13.00 -6.57 -23.81
CA LYS B 261 -13.92 -5.70 -23.12
C LYS B 261 -15.27 -6.41 -22.90
N ALA B 262 -15.78 -7.04 -23.95
CA ALA B 262 -17.05 -7.75 -23.88
C ALA B 262 -17.01 -8.93 -22.91
N ALA B 263 -15.91 -9.66 -22.91
CA ALA B 263 -15.72 -10.78 -21.98
C ALA B 263 -15.73 -10.32 -20.52
N ALA B 264 -15.08 -9.18 -20.26
CA ALA B 264 -14.97 -8.65 -18.91
C ALA B 264 -16.32 -8.21 -18.38
N LYS B 265 -17.12 -7.58 -19.24
CA LYS B 265 -18.44 -7.11 -18.86
C LYS B 265 -19.42 -8.26 -18.68
N GLY B 266 -19.18 -9.36 -19.39
CA GLY B 266 -20.11 -10.47 -19.42
C GLY B 266 -19.65 -11.72 -18.67
N PRO B 267 -19.32 -12.79 -19.42
CA PRO B 267 -19.07 -14.13 -18.87
C PRO B 267 -17.85 -14.22 -17.95
N LEU B 268 -16.86 -13.37 -18.14
CA LEU B 268 -15.66 -13.39 -17.30
C LEU B 268 -15.65 -12.28 -16.26
N ALA B 269 -16.81 -11.69 -16.01
CA ALA B 269 -16.94 -10.65 -15.00
C ALA B 269 -16.44 -11.15 -13.66
N GLY B 270 -15.60 -10.35 -13.01
CA GLY B 270 -15.05 -10.71 -11.71
C GLY B 270 -13.77 -11.54 -11.84
N ILE B 271 -13.50 -12.01 -13.06
CA ILE B 271 -12.28 -12.79 -13.32
C ILE B 271 -11.32 -11.98 -14.17
N LEU B 272 -11.78 -11.57 -15.34
CA LEU B 272 -11.00 -10.75 -16.24
C LEU B 272 -11.57 -9.34 -16.26
N ALA B 273 -10.69 -8.36 -16.06
CA ALA B 273 -11.08 -6.96 -16.13
C ALA B 273 -10.39 -6.29 -17.31
N TYR B 274 -10.80 -5.05 -17.58
CA TYR B 274 -10.32 -4.32 -18.74
C TYR B 274 -10.03 -2.87 -18.36
N THR B 275 -8.87 -2.36 -18.76
CA THR B 275 -8.58 -0.94 -18.60
C THR B 275 -7.95 -0.31 -19.83
N GLU B 276 -8.23 0.97 -20.02
CA GLU B 276 -7.60 1.79 -21.05
C GLU B 276 -6.81 2.92 -20.39
N ASP B 277 -6.71 2.89 -19.07
CA ASP B 277 -6.01 3.95 -18.35
C ASP B 277 -4.51 3.74 -18.34
N GLN B 278 -3.78 4.82 -18.04
CA GLN B 278 -2.31 4.78 -18.06
C GLN B 278 -1.82 4.23 -16.72
N VAL B 279 -2.05 2.94 -16.53
CA VAL B 279 -1.81 2.30 -15.24
C VAL B 279 -0.38 1.79 -15.05
N VAL B 280 0.00 1.59 -13.80
CA VAL B 280 1.25 0.93 -13.45
C VAL B 280 0.95 -0.12 -12.38
N SER B 281 1.96 -0.91 -12.03
CA SER B 281 1.73 -2.10 -11.21
C SER B 281 1.00 -1.84 -9.89
N THR B 282 1.40 -0.80 -9.16
CA THR B 282 0.80 -0.54 -7.85
C THR B 282 -0.69 -0.29 -7.93
N ASP B 283 -1.16 0.12 -9.10
CA ASP B 283 -2.58 0.37 -9.30
C ASP B 283 -3.42 -0.91 -9.17
N PHE B 284 -2.75 -2.05 -9.13
CA PHE B 284 -3.44 -3.33 -9.01
C PHE B 284 -3.13 -4.07 -7.71
N ASN B 285 -2.42 -3.41 -6.80
CA ASN B 285 -2.19 -4.00 -5.50
C ASN B 285 -3.50 -4.04 -4.73
N GLY B 286 -3.94 -5.24 -4.37
CA GLY B 286 -5.21 -5.43 -3.72
C GLY B 286 -6.37 -5.64 -4.68
N ASN B 287 -6.08 -5.78 -5.97
CA ASN B 287 -7.12 -6.08 -6.96
C ASN B 287 -7.44 -7.58 -6.94
N PRO B 288 -8.73 -7.93 -6.82
CA PRO B 288 -9.14 -9.34 -6.67
C PRO B 288 -9.26 -10.09 -8.00
N HIS B 289 -9.13 -9.39 -9.12
CA HIS B 289 -9.26 -10.05 -10.42
C HIS B 289 -8.10 -10.99 -10.69
N SER B 290 -8.35 -11.98 -11.54
CA SER B 290 -7.32 -12.94 -11.94
C SER B 290 -6.42 -12.32 -13.01
N SER B 291 -6.97 -11.35 -13.74
CA SER B 291 -6.31 -10.79 -14.91
C SER B 291 -6.94 -9.45 -15.27
N ILE B 292 -6.11 -8.42 -15.43
CA ILE B 292 -6.60 -7.13 -15.90
C ILE B 292 -5.90 -6.72 -17.19
N PHE B 293 -6.64 -6.80 -18.28
CA PHE B 293 -6.12 -6.48 -19.60
C PHE B 293 -5.79 -5.00 -19.73
N ASP B 294 -4.59 -4.71 -20.20
CA ASP B 294 -4.09 -3.34 -20.35
C ASP B 294 -4.07 -2.99 -21.84
N ALA B 295 -5.15 -2.39 -22.31
CA ALA B 295 -5.34 -2.12 -23.74
C ALA B 295 -4.21 -1.30 -24.37
N LYS B 296 -3.82 -0.21 -23.70
CA LYS B 296 -2.87 0.75 -24.27
C LYS B 296 -1.42 0.30 -24.22
N ALA B 297 -1.12 -0.66 -23.34
CA ALA B 297 0.25 -1.13 -23.16
C ALA B 297 0.68 -2.09 -24.28
N GLY B 298 -0.30 -2.79 -24.84
CA GLY B 298 -0.02 -3.79 -25.86
C GLY B 298 0.33 -3.16 -27.20
N ILE B 299 0.85 -3.98 -28.10
CA ILE B 299 1.24 -3.49 -29.42
C ILE B 299 1.17 -4.60 -30.46
N ALA B 300 0.72 -4.26 -31.66
CA ALA B 300 0.62 -5.21 -32.75
C ALA B 300 1.60 -4.86 -33.86
N LEU B 301 2.27 -5.87 -34.40
CA LEU B 301 3.08 -5.69 -35.59
C LEU B 301 2.15 -5.71 -36.81
N ASN B 302 1.21 -6.64 -36.77
CA ASN B 302 0.16 -6.71 -37.78
C ASN B 302 -1.04 -7.49 -37.25
N ASP B 303 -2.07 -7.63 -38.08
CA ASP B 303 -3.33 -8.24 -37.67
C ASP B 303 -3.21 -9.69 -37.18
N ASN B 304 -2.08 -10.34 -37.48
CA ASN B 304 -1.88 -11.72 -37.04
C ASN B 304 -0.75 -11.92 -36.04
N PHE B 305 -0.11 -10.85 -35.60
CA PHE B 305 1.03 -10.96 -34.71
C PHE B 305 1.00 -9.82 -33.71
N VAL B 306 0.71 -10.16 -32.45
CA VAL B 306 0.41 -9.15 -31.46
C VAL B 306 1.00 -9.49 -30.10
N LYS B 307 1.22 -8.45 -29.30
CA LYS B 307 1.74 -8.61 -27.95
C LYS B 307 0.70 -8.01 -26.99
N LEU B 308 0.18 -8.86 -26.10
CA LEU B 308 -0.92 -8.48 -25.22
C LEU B 308 -0.46 -8.42 -23.77
N VAL B 309 -0.97 -7.44 -23.03
CA VAL B 309 -0.53 -7.18 -21.66
C VAL B 309 -1.66 -7.30 -20.65
N ALA B 310 -1.41 -8.07 -19.57
CA ALA B 310 -2.40 -8.23 -18.51
C ALA B 310 -1.77 -8.26 -17.13
N TRP B 311 -2.32 -7.48 -16.22
CA TRP B 311 -1.81 -7.36 -14.86
C TRP B 311 -2.44 -8.40 -13.94
N TYR B 312 -1.72 -8.77 -12.89
CA TYR B 312 -2.32 -9.55 -11.81
C TYR B 312 -1.63 -9.34 -10.48
N ASP B 313 -2.44 -9.20 -9.45
CA ASP B 313 -1.95 -9.24 -8.08
C ASP B 313 -1.75 -10.70 -7.74
N ASN B 314 -0.49 -11.12 -7.78
CA ASN B 314 -0.14 -12.54 -7.67
C ASN B 314 -0.47 -13.13 -6.31
N GLU B 315 -0.64 -12.28 -5.31
CA GLU B 315 -1.01 -12.71 -3.97
C GLU B 315 -2.53 -12.72 -3.75
N TYR B 316 -3.15 -11.56 -3.96
CA TYR B 316 -4.54 -11.35 -3.58
C TYR B 316 -5.53 -11.93 -4.60
N GLY B 317 -5.27 -11.72 -5.89
CA GLY B 317 -6.13 -12.26 -6.92
C GLY B 317 -6.22 -13.77 -6.80
N TYR B 318 -5.06 -14.40 -6.68
CA TYR B 318 -4.99 -15.85 -6.58
C TYR B 318 -5.70 -16.35 -5.32
N SER B 319 -5.51 -15.65 -4.21
CA SER B 319 -6.15 -15.99 -2.95
C SER B 319 -7.67 -15.92 -3.08
N ASN B 320 -8.15 -14.92 -3.81
CA ASN B 320 -9.57 -14.77 -4.07
C ASN B 320 -10.11 -15.94 -4.89
N ARG B 321 -9.33 -16.40 -5.85
CA ARG B 321 -9.74 -17.53 -6.69
C ARG B 321 -9.79 -18.83 -5.92
N VAL B 322 -8.87 -19.00 -4.98
CA VAL B 322 -8.87 -20.18 -4.13
C VAL B 322 -10.20 -20.29 -3.38
N VAL B 323 -10.64 -19.18 -2.82
CA VAL B 323 -11.90 -19.16 -2.07
C VAL B 323 -13.10 -19.32 -3.00
N ASP B 324 -13.03 -18.71 -4.17
CA ASP B 324 -14.06 -18.88 -5.20
C ASP B 324 -14.21 -20.36 -5.60
N LEU B 325 -13.08 -21.05 -5.70
CA LEU B 325 -13.09 -22.46 -6.08
C LEU B 325 -13.71 -23.32 -4.99
N LEU B 326 -13.34 -23.04 -3.74
CA LEU B 326 -13.96 -23.69 -2.59
C LEU B 326 -15.47 -23.54 -2.60
N ARG B 327 -15.93 -22.31 -2.81
CA ARG B 327 -17.36 -22.01 -2.85
C ARG B 327 -18.05 -22.76 -3.98
N TYR B 328 -17.43 -22.76 -5.16
CA TYR B 328 -18.02 -23.45 -6.29
C TYR B 328 -18.09 -24.95 -6.02
N MET B 329 -16.98 -25.53 -5.58
CA MET B 329 -16.93 -26.95 -5.25
C MET B 329 -18.05 -27.31 -4.28
N PHE B 330 -18.25 -26.46 -3.27
CA PHE B 330 -19.27 -26.70 -2.27
C PHE B 330 -20.67 -26.65 -2.86
N SER B 331 -20.89 -25.74 -3.81
CA SER B 331 -22.19 -25.62 -4.46
C SER B 331 -22.51 -26.89 -5.26
N ARG B 332 -21.50 -27.73 -5.45
CA ARG B 332 -21.63 -28.94 -6.26
C ARG B 332 -21.74 -30.23 -5.44
N GLU B 333 -21.64 -30.12 -4.12
CA GLU B 333 -21.72 -31.30 -3.25
C GLU B 333 -23.07 -32.00 -3.40
#